data_4KKD
#
_entry.id   4KKD
#
_cell.length_a   72.840
_cell.length_b   292.916
_cell.length_c   43.589
_cell.angle_alpha   90.00
_cell.angle_beta   90.00
_cell.angle_gamma   90.00
#
_symmetry.space_group_name_H-M   'P 21 21 2'
#
loop_
_entity.id
_entity.type
_entity.pdbx_description
1 polymer 'Mannan-binding lectin serine protease 1'
2 non-polymer IMIDAZOLE
3 water water
#
_entity_poly.entity_id   1
_entity_poly.type   'polypeptide(L)'
_entity_poly.pdbx_seq_one_letter_code
;MAGNECPELQPPVHGKIEPSQAKYFFKDQVLVSCDTGYKVLKDNVEMDTFQIECLKDGTWSNKIPTCKIVDCRAPGELEH
GLITFSTRNNLTTYKSEIKYSCQEPYYKMLNNNTGIYTCSAQGVWMNKVLGRSLPTCLPECGQPSRSLPSLVQRIIGGRN
AEPGLFPWQALIVVEDTSRVPNDKWFGSGALLSASWILTAAHVLRSQRRDTTVIPVSKEHVTVYLGLHDVRDKSGAVNSS
AARVVLHPDFNIQNYNHDIALVQLQEPVPLGPHVMPVCLPRLEPEGPAPHMLGLVAGWGISNPNVTVDEIISSGTRTLSD
VLQYVKLPVVPHAECKTSYESRSGNYSVTENMFCAGYYEGGKDTCLGDSGEAFVIFDDLSQRWVVQGLVSWGGPEECGSK
QVYGVYTKVSNYVDWVWEQMGLPQSVVEPQVER
;
_entity_poly.pdbx_strand_id   A,B
#
loop_
_chem_comp.id
_chem_comp.type
_chem_comp.name
_chem_comp.formula
IMD non-polymer IMIDAZOLE 'C3 H5 N2 1'
#
# COMPACT_ATOMS: atom_id res chain seq x y z
N GLY A 3 -5.71 -85.64 -61.29
CA GLY A 3 -5.56 -84.93 -60.04
C GLY A 3 -6.70 -85.20 -59.07
N ASN A 4 -6.40 -85.93 -58.00
CA ASN A 4 -7.42 -86.28 -57.00
C ASN A 4 -8.09 -85.03 -56.50
N GLU A 5 -9.41 -85.12 -56.37
CA GLU A 5 -10.27 -83.94 -56.26
C GLU A 5 -10.59 -83.50 -54.84
N CYS A 6 -10.56 -82.18 -54.63
CA CYS A 6 -10.98 -81.63 -53.35
C CYS A 6 -12.49 -81.34 -53.35
N PRO A 7 -13.12 -81.43 -52.18
CA PRO A 7 -14.57 -81.21 -52.09
C PRO A 7 -15.00 -79.75 -52.33
N GLU A 8 -16.31 -79.58 -52.32
CA GLU A 8 -16.95 -78.31 -52.61
C GLU A 8 -16.89 -77.38 -51.41
N LEU A 9 -16.91 -76.08 -51.68
CA LEU A 9 -16.78 -75.09 -50.61
C LEU A 9 -18.08 -74.32 -50.37
N GLN A 10 -18.49 -74.23 -49.11
CA GLN A 10 -19.53 -73.26 -48.75
C GLN A 10 -18.89 -71.93 -48.39
N PRO A 11 -19.34 -70.85 -49.06
CA PRO A 11 -18.84 -69.52 -48.71
C PRO A 11 -19.28 -69.13 -47.31
N PRO A 12 -18.44 -68.36 -46.61
CA PRO A 12 -18.77 -67.98 -45.24
C PRO A 12 -19.92 -66.98 -45.20
N VAL A 13 -20.67 -67.00 -44.10
CA VAL A 13 -21.74 -66.03 -43.93
C VAL A 13 -21.11 -64.66 -44.20
N HIS A 14 -21.70 -63.86 -45.07
CA HIS A 14 -21.24 -62.49 -45.27
C HIS A 14 -20.01 -62.33 -46.13
N GLY A 15 -19.67 -63.37 -46.89
CA GLY A 15 -18.59 -63.27 -47.85
C GLY A 15 -18.70 -64.20 -49.05
N LYS A 16 -17.64 -64.28 -49.84
CA LYS A 16 -17.62 -65.10 -51.05
C LYS A 16 -16.30 -65.86 -51.17
N ILE A 17 -16.24 -66.82 -52.09
CA ILE A 17 -15.02 -67.52 -52.45
C ILE A 17 -14.76 -67.29 -53.93
N GLU A 18 -13.49 -67.24 -54.32
CA GLU A 18 -13.14 -67.23 -55.75
C GLU A 18 -11.78 -67.87 -56.02
N PRO A 19 -11.67 -68.58 -57.16
CA PRO A 19 -12.83 -68.75 -58.03
C PRO A 19 -13.79 -69.83 -57.51
N SER A 20 -15.08 -69.60 -57.67
CA SER A 20 -16.07 -70.63 -57.38
C SER A 20 -16.28 -71.51 -58.63
N GLN A 21 -15.92 -72.79 -58.54
CA GLN A 21 -16.18 -73.72 -59.63
C GLN A 21 -16.93 -74.96 -59.16
N ALA A 22 -17.38 -75.75 -60.13
CA ALA A 22 -18.15 -76.97 -59.87
C ALA A 22 -17.32 -77.96 -59.07
N LYS A 23 -16.18 -78.34 -59.63
CA LYS A 23 -15.27 -79.23 -58.94
C LYS A 23 -13.90 -78.57 -58.78
N TYR A 24 -13.14 -79.03 -57.81
CA TYR A 24 -11.79 -78.53 -57.54
C TYR A 24 -10.82 -79.71 -57.47
N PHE A 25 -9.66 -79.58 -58.11
CA PHE A 25 -8.70 -80.68 -58.12
C PHE A 25 -7.35 -80.29 -57.56
N PHE A 26 -6.43 -81.26 -57.55
CA PHE A 26 -5.10 -81.06 -56.99
C PHE A 26 -4.44 -79.74 -57.41
N LYS A 27 -3.93 -79.02 -56.42
CA LYS A 27 -3.22 -77.76 -56.63
C LYS A 27 -4.12 -76.56 -56.98
N ASP A 28 -5.36 -76.58 -56.50
CA ASP A 28 -6.28 -75.48 -56.74
C ASP A 28 -6.18 -74.41 -55.64
N GLN A 29 -6.23 -73.15 -56.06
CA GLN A 29 -6.23 -72.03 -55.14
C GLN A 29 -7.54 -71.25 -55.16
N VAL A 30 -8.06 -70.95 -53.96
CA VAL A 30 -9.28 -70.15 -53.80
C VAL A 30 -9.08 -69.03 -52.78
N LEU A 31 -9.71 -67.89 -53.02
CA LEU A 31 -9.68 -66.80 -52.07
C LEU A 31 -11.04 -66.61 -51.41
N VAL A 32 -11.09 -66.83 -50.10
CA VAL A 32 -12.24 -66.43 -49.35
C VAL A 32 -12.06 -64.96 -48.95
N SER A 33 -13.06 -64.15 -49.22
CA SER A 33 -13.06 -62.75 -48.78
C SER A 33 -14.46 -62.40 -48.28
N CYS A 34 -14.60 -61.22 -47.69
CA CYS A 34 -15.85 -60.82 -47.06
C CYS A 34 -16.46 -59.59 -47.73
N ASP A 35 -17.77 -59.48 -47.59
CA ASP A 35 -18.49 -58.29 -48.01
C ASP A 35 -17.98 -57.05 -47.30
N THR A 36 -18.40 -55.89 -47.80
CA THR A 36 -17.86 -54.60 -47.40
C THR A 36 -17.72 -54.37 -45.89
N GLY A 37 -18.76 -54.62 -45.12
CA GLY A 37 -18.64 -54.36 -43.69
C GLY A 37 -17.78 -55.30 -42.87
N TYR A 38 -17.06 -56.21 -43.52
CA TYR A 38 -16.45 -57.36 -42.85
C TYR A 38 -15.00 -57.68 -43.27
N LYS A 39 -14.27 -58.33 -42.37
CA LYS A 39 -12.91 -58.80 -42.61
C LYS A 39 -12.89 -60.30 -42.34
N VAL A 40 -12.03 -61.03 -43.05
CA VAL A 40 -11.87 -62.47 -42.79
C VAL A 40 -11.24 -62.69 -41.42
N LEU A 41 -11.85 -63.53 -40.61
CA LEU A 41 -11.27 -63.79 -39.30
C LEU A 41 -10.71 -65.19 -39.22
N LYS A 42 -9.46 -65.29 -38.79
CA LYS A 42 -8.80 -66.59 -38.59
C LYS A 42 -7.71 -66.43 -37.54
N ASP A 43 -7.77 -67.25 -36.50
CA ASP A 43 -6.71 -67.23 -35.49
C ASP A 43 -6.55 -65.84 -34.89
N ASN A 44 -7.65 -65.10 -34.81
CA ASN A 44 -7.68 -63.77 -34.21
C ASN A 44 -7.00 -62.71 -35.03
N VAL A 45 -6.60 -63.08 -36.24
CA VAL A 45 -6.10 -62.07 -37.14
C VAL A 45 -7.20 -61.75 -38.12
N GLU A 46 -7.30 -60.48 -38.50
CA GLU A 46 -8.27 -60.06 -39.48
C GLU A 46 -7.54 -59.79 -40.77
N MET A 47 -8.14 -60.19 -41.89
CA MET A 47 -7.50 -60.12 -43.19
C MET A 47 -8.52 -59.80 -44.27
N ASP A 48 -8.06 -59.33 -45.43
CA ASP A 48 -8.96 -58.93 -46.50
C ASP A 48 -9.32 -60.11 -47.38
N THR A 49 -8.42 -61.09 -47.38
CA THR A 49 -8.57 -62.27 -48.20
C THR A 49 -7.74 -63.37 -47.56
N PHE A 50 -8.14 -64.61 -47.81
CA PHE A 50 -7.46 -65.76 -47.25
C PHE A 50 -7.46 -66.85 -48.31
N GLN A 51 -6.27 -67.45 -48.51
CA GLN A 51 -6.06 -68.39 -49.60
C GLN A 51 -6.06 -69.83 -49.14
N ILE A 52 -6.80 -70.65 -49.89
CA ILE A 52 -6.96 -72.05 -49.57
C ILE A 52 -6.47 -72.83 -50.77
N GLU A 53 -5.79 -73.95 -50.52
CA GLU A 53 -5.22 -74.73 -51.61
C GLU A 53 -5.65 -76.20 -51.52
N CYS A 54 -5.89 -76.82 -52.69
CA CYS A 54 -6.27 -78.23 -52.75
C CYS A 54 -5.06 -79.18 -52.76
N LEU A 55 -4.81 -79.84 -51.64
CA LEU A 55 -3.66 -80.72 -51.48
C LEU A 55 -3.82 -82.04 -52.27
N LYS A 56 -2.69 -82.69 -52.56
CA LYS A 56 -2.68 -83.97 -53.26
C LYS A 56 -3.79 -84.91 -52.76
N ASP A 57 -3.79 -85.17 -51.46
CA ASP A 57 -4.69 -86.14 -50.86
C ASP A 57 -6.18 -85.79 -50.86
N GLY A 58 -6.59 -84.79 -51.64
CA GLY A 58 -8.00 -84.41 -51.71
C GLY A 58 -8.52 -83.58 -50.55
N THR A 59 -7.60 -83.22 -49.66
CA THR A 59 -7.89 -82.32 -48.54
C THR A 59 -7.57 -80.88 -48.91
N TRP A 60 -8.31 -79.94 -48.33
CA TRP A 60 -7.96 -78.52 -48.45
C TRP A 60 -6.95 -78.11 -47.38
N SER A 61 -6.12 -77.11 -47.68
CA SER A 61 -5.14 -76.61 -46.71
C SER A 61 -5.77 -76.11 -45.40
N ASN A 62 -6.90 -75.42 -45.51
CA ASN A 62 -7.63 -74.99 -44.32
C ASN A 62 -9.10 -75.17 -44.55
N LYS A 63 -9.85 -75.15 -43.45
CA LYS A 63 -11.30 -75.03 -43.56
C LYS A 63 -11.63 -73.59 -43.93
N ILE A 64 -12.86 -73.35 -44.38
CA ILE A 64 -13.24 -71.99 -44.75
C ILE A 64 -13.50 -71.18 -43.50
N PRO A 65 -12.87 -70.01 -43.40
CA PRO A 65 -12.91 -69.30 -42.13
C PRO A 65 -14.19 -68.51 -42.05
N THR A 66 -14.13 -67.49 -41.23
CA THR A 66 -15.32 -66.79 -40.84
C THR A 66 -15.17 -65.31 -41.21
N CYS A 67 -16.30 -64.63 -41.42
CA CYS A 67 -16.30 -63.18 -41.59
C CYS A 67 -16.72 -62.42 -40.32
N LYS A 68 -15.81 -61.59 -39.80
CA LYS A 68 -16.10 -60.68 -38.69
C LYS A 68 -16.63 -59.35 -39.20
N ILE A 69 -17.63 -58.82 -38.51
CA ILE A 69 -18.12 -57.50 -38.85
C ILE A 69 -17.16 -56.47 -38.26
N VAL A 70 -17.05 -55.36 -38.96
CA VAL A 70 -16.15 -54.28 -38.59
C VAL A 70 -16.67 -53.54 -37.36
N ASP A 71 -15.78 -53.26 -36.41
CA ASP A 71 -16.15 -52.56 -35.18
C ASP A 71 -15.38 -51.24 -35.04
N CYS A 72 -16.12 -50.13 -34.95
CA CYS A 72 -15.49 -48.81 -34.78
C CYS A 72 -15.26 -48.47 -33.32
N ARG A 73 -15.46 -49.44 -32.44
CA ARG A 73 -15.26 -49.25 -30.99
C ARG A 73 -15.95 -47.99 -30.42
N ALA A 74 -15.72 -47.74 -29.14
CA ALA A 74 -16.30 -46.59 -28.46
C ALA A 74 -16.06 -45.32 -29.28
N PRO A 75 -17.12 -44.55 -29.56
CA PRO A 75 -16.81 -43.33 -30.29
C PRO A 75 -16.15 -42.31 -29.36
N GLY A 76 -15.27 -41.48 -29.91
CA GLY A 76 -14.63 -40.43 -29.14
C GLY A 76 -15.61 -39.56 -28.37
N GLU A 77 -15.28 -39.28 -27.11
CA GLU A 77 -16.16 -38.45 -26.30
C GLU A 77 -16.10 -36.98 -26.76
N LEU A 78 -17.21 -36.27 -26.60
CA LEU A 78 -17.31 -34.87 -27.05
C LEU A 78 -17.31 -33.93 -25.87
N GLU A 79 -16.69 -32.76 -26.06
CA GLU A 79 -16.46 -31.83 -24.96
C GLU A 79 -17.62 -30.89 -24.74
N HIS A 80 -18.18 -30.93 -23.53
CA HIS A 80 -19.43 -30.27 -23.19
C HIS A 80 -20.62 -30.90 -23.90
N GLY A 81 -20.35 -32.00 -24.62
CA GLY A 81 -21.39 -32.73 -25.34
C GLY A 81 -21.60 -34.14 -24.79
N LEU A 82 -22.56 -34.86 -25.35
CA LEU A 82 -22.81 -36.25 -24.96
C LEU A 82 -23.21 -37.13 -26.16
N ILE A 83 -23.14 -38.44 -25.98
CA ILE A 83 -23.47 -39.35 -27.08
C ILE A 83 -24.75 -40.12 -26.84
N THR A 84 -25.64 -40.05 -27.83
CA THR A 84 -26.81 -40.89 -27.85
C THR A 84 -26.62 -41.90 -28.94
N PHE A 85 -26.73 -43.18 -28.61
CA PHE A 85 -26.78 -44.25 -29.62
C PHE A 85 -28.16 -44.35 -30.27
N SER A 86 -28.19 -44.61 -31.57
CA SER A 86 -29.45 -44.69 -32.30
C SER A 86 -30.40 -45.76 -31.78
N THR A 87 -29.86 -46.63 -30.94
CA THR A 87 -30.58 -47.78 -30.47
C THR A 87 -30.07 -48.10 -29.08
N ARG A 88 -30.95 -48.60 -28.23
CA ARG A 88 -30.59 -48.92 -26.85
C ARG A 88 -29.53 -50.01 -26.79
N ASN A 89 -29.26 -50.68 -27.90
CA ASN A 89 -28.19 -51.68 -27.94
C ASN A 89 -26.79 -51.06 -27.93
N ASN A 90 -26.71 -49.76 -28.26
CA ASN A 90 -25.42 -49.08 -28.38
C ASN A 90 -24.43 -49.88 -29.22
N LEU A 91 -24.87 -50.29 -30.40
CA LEU A 91 -24.00 -51.01 -31.30
C LEU A 91 -22.87 -50.07 -31.70
N THR A 92 -21.65 -50.60 -31.77
CA THR A 92 -20.56 -49.79 -32.30
C THR A 92 -19.98 -50.43 -33.57
N THR A 93 -20.62 -51.49 -34.05
CA THR A 93 -20.15 -52.15 -35.26
C THR A 93 -20.65 -51.46 -36.53
N TYR A 94 -20.19 -51.96 -37.67
CA TYR A 94 -20.49 -51.37 -38.98
C TYR A 94 -21.95 -50.97 -39.13
N LYS A 95 -22.18 -49.85 -39.81
CA LYS A 95 -23.53 -49.38 -40.13
C LYS A 95 -24.27 -48.83 -38.90
N SER A 96 -23.77 -49.13 -37.71
CA SER A 96 -24.34 -48.59 -36.48
C SER A 96 -24.31 -47.07 -36.48
N GLU A 97 -25.23 -46.43 -35.75
CA GLU A 97 -25.34 -44.98 -35.82
C GLU A 97 -25.39 -44.28 -34.47
N ILE A 98 -24.67 -43.18 -34.35
CA ILE A 98 -24.69 -42.39 -33.11
C ILE A 98 -24.97 -40.92 -33.39
N LYS A 99 -25.45 -40.23 -32.38
CA LYS A 99 -25.73 -38.80 -32.51
C LYS A 99 -25.04 -38.03 -31.40
N TYR A 100 -24.27 -37.03 -31.80
CA TYR A 100 -23.63 -36.13 -30.87
C TYR A 100 -24.54 -34.97 -30.56
N SER A 101 -24.78 -34.71 -29.29
CA SER A 101 -25.40 -33.45 -28.95
C SER A 101 -24.57 -32.69 -27.92
N CYS A 102 -24.53 -31.37 -28.04
CA CYS A 102 -23.89 -30.50 -27.03
C CYS A 102 -24.76 -30.46 -25.78
N GLN A 103 -24.15 -30.08 -24.66
CA GLN A 103 -24.86 -29.95 -23.39
C GLN A 103 -25.69 -28.68 -23.39
N GLU A 104 -27.01 -28.84 -23.33
CA GLU A 104 -27.88 -27.67 -23.25
C GLU A 104 -28.47 -27.49 -21.87
N PRO A 105 -28.81 -26.24 -21.54
CA PRO A 105 -28.72 -25.20 -22.55
C PRO A 105 -27.44 -24.36 -22.41
N TYR A 106 -26.44 -24.87 -21.70
CA TYR A 106 -25.22 -24.12 -21.46
C TYR A 106 -24.32 -23.99 -22.71
N TYR A 107 -24.34 -25.01 -23.57
CA TYR A 107 -23.57 -24.99 -24.82
C TYR A 107 -24.45 -25.29 -26.02
N LYS A 108 -24.10 -24.73 -27.16
CA LYS A 108 -24.84 -24.99 -28.39
C LYS A 108 -23.87 -25.46 -29.46
N MET A 109 -24.34 -26.32 -30.36
CA MET A 109 -23.45 -26.89 -31.33
C MET A 109 -23.26 -25.98 -32.55
N LEU A 110 -22.02 -25.85 -33.00
CA LEU A 110 -21.71 -25.07 -34.18
C LEU A 110 -22.37 -25.60 -35.45
N ASN A 111 -22.61 -24.70 -36.40
CA ASN A 111 -23.09 -25.04 -37.73
C ASN A 111 -24.38 -25.85 -37.74
N ASN A 112 -24.96 -26.06 -36.56
CA ASN A 112 -26.09 -26.97 -36.45
C ASN A 112 -25.83 -28.24 -37.29
N ASN A 113 -24.56 -28.60 -37.42
CA ASN A 113 -24.19 -29.92 -37.94
C ASN A 113 -25.06 -30.98 -37.27
N THR A 114 -25.46 -31.99 -38.02
CA THR A 114 -26.45 -32.96 -37.52
C THR A 114 -26.03 -33.66 -36.22
N GLY A 115 -24.73 -33.89 -36.05
CA GLY A 115 -24.25 -34.64 -34.90
C GLY A 115 -24.45 -36.13 -35.11
N ILE A 116 -24.71 -36.51 -36.36
CA ILE A 116 -24.95 -37.89 -36.77
C ILE A 116 -23.70 -38.57 -37.27
N TYR A 117 -23.20 -39.54 -36.52
CA TYR A 117 -22.05 -40.32 -36.97
C TYR A 117 -22.44 -41.79 -37.18
N THR A 118 -22.06 -42.34 -38.32
CA THR A 118 -22.25 -43.77 -38.52
C THR A 118 -20.93 -44.52 -38.72
N CYS A 119 -20.88 -45.73 -38.18
CA CYS A 119 -19.68 -46.55 -38.21
C CYS A 119 -19.46 -47.04 -39.63
N SER A 120 -18.36 -46.62 -40.23
CA SER A 120 -18.13 -46.91 -41.65
C SER A 120 -17.47 -48.26 -41.84
N ALA A 121 -17.41 -48.70 -43.10
CA ALA A 121 -16.73 -49.95 -43.48
C ALA A 121 -15.26 -49.95 -43.03
N GLN A 122 -14.64 -48.79 -43.00
CA GLN A 122 -13.22 -48.71 -42.65
C GLN A 122 -13.05 -48.59 -41.14
N GLY A 123 -14.13 -48.82 -40.40
CA GLY A 123 -14.06 -48.80 -38.95
C GLY A 123 -13.87 -47.43 -38.34
N VAL A 124 -14.44 -46.40 -38.96
CA VAL A 124 -14.27 -45.05 -38.46
C VAL A 124 -15.61 -44.37 -38.38
N TRP A 125 -15.86 -43.74 -37.24
CA TRP A 125 -17.11 -43.00 -37.05
C TRP A 125 -17.16 -41.77 -37.95
N MET A 126 -18.11 -41.76 -38.86
CA MET A 126 -18.15 -40.78 -39.93
C MET A 126 -19.41 -39.92 -39.96
N ASN A 127 -19.19 -38.61 -40.09
CA ASN A 127 -20.26 -37.63 -40.24
C ASN A 127 -20.26 -37.06 -41.66
N LYS A 128 -21.41 -37.03 -42.33
CA LYS A 128 -21.45 -36.66 -43.74
C LYS A 128 -20.65 -35.40 -44.10
N VAL A 129 -20.58 -34.45 -43.16
CA VAL A 129 -19.83 -33.22 -43.40
C VAL A 129 -18.49 -33.27 -42.68
N LEU A 130 -18.53 -33.29 -41.35
CA LEU A 130 -17.30 -33.27 -40.54
C LEU A 130 -16.31 -34.44 -40.77
N GLY A 131 -16.81 -35.51 -41.41
CA GLY A 131 -16.01 -36.71 -41.57
C GLY A 131 -15.67 -37.29 -40.23
N ARG A 132 -14.42 -37.66 -40.05
CA ARG A 132 -13.95 -38.25 -38.81
C ARG A 132 -13.94 -37.21 -37.69
N SER A 133 -13.98 -35.94 -38.07
CA SER A 133 -13.82 -34.85 -37.09
C SER A 133 -15.09 -34.55 -36.29
N LEU A 134 -14.94 -34.40 -34.98
CA LEU A 134 -16.09 -34.18 -34.11
C LEU A 134 -16.74 -32.81 -34.27
N PRO A 135 -17.94 -32.65 -33.71
CA PRO A 135 -18.59 -31.33 -33.74
C PRO A 135 -18.01 -30.46 -32.65
N THR A 136 -18.50 -29.22 -32.54
CA THR A 136 -17.94 -28.28 -31.58
C THR A 136 -19.00 -27.64 -30.70
N CYS A 137 -18.83 -27.79 -29.39
CA CYS A 137 -19.75 -27.18 -28.41
C CYS A 137 -19.23 -25.83 -27.89
N LEU A 138 -19.97 -24.77 -28.15
CA LEU A 138 -19.60 -23.43 -27.71
C LEU A 138 -20.50 -22.97 -26.59
N PRO A 139 -19.97 -22.16 -25.68
CA PRO A 139 -20.81 -21.69 -24.58
C PRO A 139 -21.93 -20.78 -25.09
N GLU A 140 -23.09 -20.90 -24.46
CA GLU A 140 -24.23 -20.02 -24.73
C GLU A 140 -24.17 -18.91 -23.70
N CYS A 141 -24.33 -17.66 -24.11
CA CYS A 141 -24.23 -16.55 -23.15
C CYS A 141 -25.49 -15.72 -22.99
N GLY A 142 -25.65 -15.09 -21.83
CA GLY A 142 -26.72 -14.13 -21.65
C GLY A 142 -28.15 -14.64 -21.64
N GLN A 143 -28.34 -15.88 -21.23
CA GLN A 143 -29.69 -16.42 -21.06
C GLN A 143 -29.85 -17.02 -19.67
N PRO A 144 -30.14 -16.18 -18.69
CA PRO A 144 -30.28 -16.58 -17.29
C PRO A 144 -31.31 -17.68 -17.15
N SER A 145 -31.09 -18.63 -16.24
CA SER A 145 -32.00 -19.76 -16.05
C SER A 145 -33.19 -19.40 -15.17
N ARG A 146 -33.14 -18.22 -14.59
CA ARG A 146 -34.25 -17.68 -13.80
C ARG A 146 -34.80 -16.45 -14.53
N SER A 147 -36.03 -16.08 -14.24
CA SER A 147 -36.59 -14.89 -14.86
C SER A 147 -36.56 -13.69 -13.91
N LEU A 148 -36.81 -12.51 -14.43
CA LEU A 148 -36.80 -11.32 -13.60
C LEU A 148 -38.14 -11.11 -12.88
N PRO A 149 -38.15 -11.37 -11.57
CA PRO A 149 -39.31 -11.22 -10.70
C PRO A 149 -39.40 -9.83 -10.12
N GLY A 158 -33.64 -1.38 -4.67
CA GLY A 158 -32.47 -2.24 -4.53
C GLY A 158 -32.73 -3.67 -4.06
N ARG A 159 -33.71 -4.34 -4.66
CA ARG A 159 -34.16 -5.68 -4.23
C ARG A 159 -33.10 -6.79 -4.13
N ASN A 160 -33.38 -7.82 -3.32
CA ASN A 160 -32.47 -8.96 -3.19
C ASN A 160 -32.38 -9.79 -4.47
N ALA A 161 -31.38 -10.66 -4.53
CA ALA A 161 -31.13 -11.44 -5.73
C ALA A 161 -31.30 -12.94 -5.49
N GLU A 162 -32.08 -13.59 -6.34
CA GLU A 162 -32.31 -15.03 -6.23
C GLU A 162 -31.29 -15.84 -7.02
N PRO A 163 -31.07 -17.10 -6.62
CA PRO A 163 -30.13 -17.99 -7.31
C PRO A 163 -30.44 -18.05 -8.79
N GLY A 164 -29.40 -18.01 -9.62
CA GLY A 164 -29.55 -18.14 -11.05
C GLY A 164 -30.04 -16.90 -11.78
N LEU A 165 -30.23 -15.82 -11.04
CA LEU A 165 -30.65 -14.56 -11.64
C LEU A 165 -29.55 -13.88 -12.47
N PHE A 166 -28.38 -13.68 -11.87
CA PHE A 166 -27.23 -13.08 -12.54
C PHE A 166 -26.07 -14.09 -12.53
N PRO A 167 -26.20 -15.13 -13.38
CA PRO A 167 -25.29 -16.28 -13.52
C PRO A 167 -23.84 -15.87 -13.88
N TRP A 168 -23.69 -14.76 -14.60
CA TRP A 168 -22.39 -14.20 -14.96
C TRP A 168 -21.70 -13.46 -13.80
N GLN A 169 -22.46 -13.15 -12.76
CA GLN A 169 -21.95 -12.35 -11.65
C GLN A 169 -20.80 -13.03 -10.92
N ALA A 170 -19.67 -12.34 -10.83
CA ALA A 170 -18.48 -12.89 -10.18
C ALA A 170 -18.09 -12.03 -9.00
N LEU A 171 -17.51 -12.65 -7.99
CA LEU A 171 -16.97 -11.90 -6.87
C LEU A 171 -15.45 -12.03 -6.87
N ILE A 172 -14.75 -10.90 -6.94
CA ILE A 172 -13.31 -10.91 -6.91
C ILE A 172 -12.82 -10.59 -5.52
N VAL A 173 -11.88 -11.38 -5.03
CA VAL A 173 -11.32 -11.19 -3.70
C VAL A 173 -9.82 -11.12 -3.86
N VAL A 174 -9.25 -10.01 -3.41
CA VAL A 174 -7.83 -9.79 -3.54
C VAL A 174 -7.24 -9.78 -2.15
N GLU A 175 -6.24 -10.62 -1.95
CA GLU A 175 -5.55 -10.64 -0.68
C GLU A 175 -4.06 -10.37 -0.86
N ASP A 176 -3.70 -9.10 -0.77
CA ASP A 176 -2.33 -8.67 -0.95
C ASP A 176 -1.51 -9.04 0.29
N THR A 177 -0.71 -10.10 0.16
CA THR A 177 -0.03 -10.68 1.30
C THR A 177 1.41 -10.22 1.32
N SER A 178 1.75 -9.37 0.36
CA SER A 178 3.08 -8.79 0.31
C SER A 178 3.17 -7.57 1.22
N ARG A 179 2.03 -7.18 1.78
CA ARG A 179 1.97 -6.05 2.69
C ARG A 179 1.73 -6.64 4.04
N VAL A 180 2.22 -5.98 5.07
CA VAL A 180 1.99 -6.40 6.45
C VAL A 180 1.18 -5.34 7.22
N PRO A 181 0.01 -5.71 7.74
CA PRO A 181 -0.60 -7.02 7.52
C PRO A 181 -1.13 -7.18 6.09
N ASN A 182 -1.82 -8.29 5.86
CA ASN A 182 -2.47 -8.53 4.57
C ASN A 182 -3.46 -7.42 4.24
N ASP A 183 -3.38 -6.97 3.00
CA ASP A 183 -4.27 -5.92 2.52
C ASP A 183 -5.32 -6.59 1.63
N LYS A 184 -6.58 -6.46 2.03
CA LYS A 184 -7.66 -7.23 1.41
C LYS A 184 -8.81 -6.34 0.97
N TRP A 185 -9.28 -6.58 -0.26
CA TRP A 185 -10.43 -5.86 -0.77
C TRP A 185 -11.22 -6.75 -1.75
N PHE A 186 -12.36 -6.23 -2.19
CA PHE A 186 -13.29 -7.01 -2.98
C PHE A 186 -13.63 -6.30 -4.27
N GLY A 187 -14.15 -7.05 -5.23
CA GLY A 187 -14.51 -6.50 -6.52
C GLY A 187 -15.67 -7.27 -7.10
N SER A 188 -16.18 -6.78 -8.21
CA SER A 188 -17.25 -7.44 -8.90
C SER A 188 -16.75 -7.75 -10.30
N GLY A 189 -17.18 -8.89 -10.84
CA GLY A 189 -16.74 -9.35 -12.14
C GLY A 189 -17.91 -9.92 -12.91
N ALA A 190 -17.79 -9.95 -14.22
CA ALA A 190 -18.80 -10.56 -15.09
C ALA A 190 -18.15 -11.65 -15.95
N LEU A 191 -18.72 -12.84 -15.90
CA LEU A 191 -18.22 -13.96 -16.72
C LEU A 191 -18.35 -13.70 -18.23
N LEU A 192 -17.26 -13.87 -18.98
CA LEU A 192 -17.35 -13.73 -20.44
C LEU A 192 -17.37 -15.09 -21.14
N SER A 193 -16.71 -16.08 -20.53
CA SER A 193 -16.60 -17.43 -21.02
C SER A 193 -16.18 -18.19 -19.79
N ALA A 194 -15.98 -19.50 -19.90
CA ALA A 194 -15.65 -20.27 -18.71
C ALA A 194 -14.30 -19.86 -18.05
N SER A 195 -13.43 -19.22 -18.81
CA SER A 195 -12.13 -18.93 -18.24
C SER A 195 -11.80 -17.42 -18.05
N TRP A 196 -12.78 -16.55 -18.31
CA TRP A 196 -12.55 -15.09 -18.29
C TRP A 196 -13.60 -14.24 -17.54
N ILE A 197 -13.10 -13.32 -16.74
CA ILE A 197 -13.97 -12.38 -16.02
C ILE A 197 -13.65 -10.95 -16.44
N LEU A 198 -14.69 -10.16 -16.69
CA LEU A 198 -14.54 -8.75 -17.05
C LEU A 198 -14.83 -7.86 -15.84
N THR A 199 -14.07 -6.77 -15.70
CA THR A 199 -14.21 -5.89 -14.55
C THR A 199 -13.62 -4.51 -14.85
N ALA A 200 -13.47 -3.67 -13.84
CA ALA A 200 -12.83 -2.36 -14.02
C ALA A 200 -11.36 -2.46 -13.68
N ALA A 201 -10.51 -1.80 -14.48
CA ALA A 201 -9.07 -1.80 -14.21
C ALA A 201 -8.79 -1.33 -12.79
N HIS A 202 -9.61 -0.40 -12.30
CA HIS A 202 -9.32 0.22 -11.01
C HIS A 202 -9.42 -0.73 -9.81
N VAL A 203 -10.11 -1.85 -10.00
CA VAL A 203 -10.29 -2.84 -8.95
C VAL A 203 -9.02 -3.64 -8.80
N LEU A 204 -8.28 -3.78 -9.90
CA LEU A 204 -7.10 -4.62 -9.96
C LEU A 204 -5.79 -3.81 -9.89
N ARG A 205 -5.90 -2.51 -9.71
CA ARG A 205 -4.75 -1.63 -9.59
C ARG A 205 -4.16 -1.76 -8.19
N SER A 206 -2.85 -1.96 -8.12
CA SER A 206 -2.14 -2.01 -6.86
C SER A 206 -2.04 -0.60 -6.30
N GLN A 207 -2.52 -0.38 -5.08
CA GLN A 207 -2.50 0.95 -4.48
C GLN A 207 -1.08 1.41 -4.14
N ARG A 208 -0.76 2.65 -4.48
CA ARG A 208 0.55 3.20 -4.11
C ARG A 208 0.57 4.74 -4.11
N ARG A 209 1.64 5.36 -3.64
CA ARG A 209 1.63 6.82 -3.54
C ARG A 209 1.95 7.51 -4.85
N ASP A 210 2.75 6.86 -5.70
CA ASP A 210 3.01 7.45 -7.01
C ASP A 210 1.87 7.16 -7.96
N THR A 211 2.02 7.63 -9.20
CA THR A 211 1.00 7.50 -10.24
C THR A 211 1.22 6.32 -11.16
N THR A 212 2.32 5.58 -10.96
CA THR A 212 2.59 4.46 -11.84
C THR A 212 1.55 3.33 -11.65
N VAL A 213 1.07 2.81 -12.76
CA VAL A 213 0.03 1.81 -12.73
C VAL A 213 0.59 0.39 -12.65
N ILE A 214 0.29 -0.28 -11.55
CA ILE A 214 0.75 -1.64 -11.34
C ILE A 214 -0.45 -2.56 -11.14
N PRO A 215 -0.60 -3.54 -12.03
CA PRO A 215 -1.56 -4.60 -11.74
C PRO A 215 -1.20 -5.33 -10.45
N VAL A 216 -2.22 -5.58 -9.65
CA VAL A 216 -2.08 -6.46 -8.52
C VAL A 216 -1.50 -7.81 -8.99
N SER A 217 -0.90 -8.53 -8.07
CA SER A 217 -0.38 -9.85 -8.41
C SER A 217 -1.48 -10.87 -8.57
N LYS A 218 -1.32 -11.65 -9.63
CA LYS A 218 -2.16 -12.77 -9.99
C LYS A 218 -2.32 -13.78 -8.84
N GLU A 219 -1.28 -13.93 -8.02
CA GLU A 219 -1.34 -14.85 -6.89
C GLU A 219 -2.33 -14.41 -5.82
N HIS A 220 -2.57 -13.10 -5.73
CA HIS A 220 -3.43 -12.58 -4.68
C HIS A 220 -4.92 -12.55 -5.05
N VAL A 221 -5.27 -13.09 -6.20
CA VAL A 221 -6.63 -13.03 -6.71
C VAL A 221 -7.35 -14.38 -6.67
N THR A 222 -8.59 -14.38 -6.21
CA THR A 222 -9.44 -15.54 -6.33
C THR A 222 -10.83 -15.06 -6.75
N VAL A 223 -11.52 -15.82 -7.60
CA VAL A 223 -12.81 -15.42 -8.15
C VAL A 223 -13.86 -16.47 -7.79
N TYR A 224 -15.04 -16.04 -7.35
CA TYR A 224 -16.15 -16.94 -7.05
C TYR A 224 -17.27 -16.79 -8.07
N LEU A 225 -17.83 -17.92 -8.50
CA LEU A 225 -19.01 -17.91 -9.36
C LEU A 225 -20.18 -18.72 -8.79
N GLY A 226 -21.40 -18.29 -9.08
CA GLY A 226 -22.57 -18.93 -8.52
C GLY A 226 -22.70 -18.69 -7.03
N LEU A 227 -22.31 -17.50 -6.61
CA LEU A 227 -22.30 -17.09 -5.21
C LEU A 227 -23.39 -16.07 -5.00
N HIS A 228 -24.30 -16.31 -4.06
CA HIS A 228 -25.33 -15.32 -3.75
C HIS A 228 -25.23 -14.79 -2.35
N ASP A 229 -24.93 -15.71 -1.43
CA ASP A 229 -24.81 -15.39 -0.03
C ASP A 229 -23.38 -15.70 0.30
N VAL A 230 -22.60 -14.67 0.60
CA VAL A 230 -21.18 -14.89 0.89
C VAL A 230 -21.04 -15.94 2.01
N ARG A 231 -22.02 -15.99 2.90
CA ARG A 231 -22.01 -16.98 3.98
C ARG A 231 -22.21 -18.42 3.51
N ASP A 232 -22.89 -18.62 2.37
CA ASP A 232 -23.10 -19.96 1.85
C ASP A 232 -22.27 -20.24 0.60
N LYS A 233 -20.99 -20.53 0.79
CA LYS A 233 -20.11 -20.86 -0.33
C LYS A 233 -20.49 -22.20 -0.97
N SER A 234 -21.46 -22.90 -0.40
CA SER A 234 -21.98 -24.10 -1.03
C SER A 234 -22.53 -23.78 -2.42
N GLY A 235 -22.35 -24.72 -3.34
CA GLY A 235 -22.82 -24.56 -4.71
C GLY A 235 -22.02 -23.48 -5.39
N ALA A 236 -20.90 -23.13 -4.78
CA ALA A 236 -20.08 -22.04 -5.30
C ALA A 236 -18.82 -22.55 -5.98
N VAL A 237 -18.46 -21.89 -7.08
CA VAL A 237 -17.23 -22.23 -7.79
C VAL A 237 -16.15 -21.18 -7.55
N ASN A 238 -14.93 -21.64 -7.32
CA ASN A 238 -13.84 -20.78 -6.94
C ASN A 238 -12.63 -21.11 -7.80
N SER A 239 -11.96 -20.08 -8.29
CA SER A 239 -10.80 -20.29 -9.15
C SER A 239 -9.77 -19.21 -8.90
N SER A 240 -8.51 -19.61 -8.88
CA SER A 240 -7.40 -18.67 -8.81
C SER A 240 -7.15 -18.08 -10.20
N ALA A 241 -6.19 -17.18 -10.31
CA ALA A 241 -6.07 -16.40 -11.53
C ALA A 241 -4.86 -16.77 -12.39
N ALA A 242 -5.12 -17.20 -13.62
CA ALA A 242 -4.00 -17.50 -14.51
C ALA A 242 -3.29 -16.22 -14.88
N ARG A 243 -4.05 -15.14 -15.01
CA ARG A 243 -3.51 -13.89 -15.48
C ARG A 243 -4.39 -12.70 -15.15
N VAL A 244 -3.76 -11.54 -14.96
CA VAL A 244 -4.50 -10.32 -14.65
C VAL A 244 -4.09 -9.30 -15.69
N VAL A 245 -5.07 -8.77 -16.43
CA VAL A 245 -4.81 -7.82 -17.51
C VAL A 245 -5.57 -6.52 -17.38
N LEU A 246 -4.88 -5.44 -17.02
CA LEU A 246 -5.48 -4.12 -17.03
C LEU A 246 -5.40 -3.59 -18.44
N HIS A 247 -6.33 -2.71 -18.81
CA HIS A 247 -6.19 -2.04 -20.09
C HIS A 247 -4.89 -1.20 -20.11
N PRO A 248 -4.07 -1.37 -21.14
CA PRO A 248 -2.76 -0.71 -21.23
C PRO A 248 -2.81 0.81 -21.22
N ASP A 249 -3.99 1.42 -21.38
CA ASP A 249 -4.05 2.88 -21.38
C ASP A 249 -4.77 3.44 -20.16
N PHE A 250 -5.12 2.56 -19.24
CA PHE A 250 -5.78 2.95 -18.00
C PHE A 250 -4.99 4.04 -17.28
N ASN A 251 -5.69 5.11 -16.94
CA ASN A 251 -5.09 6.22 -16.20
C ASN A 251 -5.70 6.31 -14.80
N ILE A 252 -4.88 6.08 -13.78
CA ILE A 252 -5.35 6.04 -12.40
C ILE A 252 -5.83 7.43 -11.94
N GLN A 253 -5.48 8.44 -12.72
CA GLN A 253 -5.77 9.84 -12.39
C GLN A 253 -7.22 10.26 -12.66
N ASN A 254 -7.71 9.99 -13.87
CA ASN A 254 -9.10 10.28 -14.18
C ASN A 254 -9.91 9.04 -14.54
N TYR A 255 -9.29 7.87 -14.37
CA TYR A 255 -9.97 6.59 -14.57
C TYR A 255 -10.37 6.34 -16.01
N ASN A 256 -9.62 6.92 -16.94
CA ASN A 256 -9.82 6.69 -18.36
C ASN A 256 -9.40 5.29 -18.72
N HIS A 257 -10.22 4.61 -19.50
CA HIS A 257 -9.95 3.26 -19.92
C HIS A 257 -10.01 2.30 -18.78
N ASP A 258 -11.03 2.49 -17.95
CA ASP A 258 -11.16 1.74 -16.75
C ASP A 258 -11.75 0.36 -17.04
N ILE A 259 -10.91 -0.56 -17.49
CA ILE A 259 -11.39 -1.87 -17.91
C ILE A 259 -10.27 -2.87 -17.86
N ALA A 260 -10.60 -4.11 -17.50
CA ALA A 260 -9.60 -5.13 -17.27
C ALA A 260 -10.23 -6.51 -17.30
N LEU A 261 -9.41 -7.55 -17.47
CA LEU A 261 -9.83 -8.96 -17.41
C LEU A 261 -9.04 -9.78 -16.38
N VAL A 262 -9.67 -10.82 -15.83
CA VAL A 262 -8.97 -11.86 -15.07
C VAL A 262 -9.14 -13.19 -15.78
N GLN A 263 -8.05 -13.81 -16.18
CA GLN A 263 -8.10 -15.16 -16.74
C GLN A 263 -8.16 -16.17 -15.60
N LEU A 264 -9.03 -17.18 -15.72
CA LEU A 264 -9.16 -18.13 -14.63
C LEU A 264 -8.21 -19.30 -14.85
N GLN A 265 -7.44 -19.63 -13.83
CA GLN A 265 -6.49 -20.73 -13.92
C GLN A 265 -7.25 -22.03 -14.16
N GLU A 266 -8.21 -22.32 -13.30
CA GLU A 266 -9.05 -23.49 -13.45
C GLU A 266 -10.43 -23.03 -13.90
N PRO A 267 -10.77 -23.28 -15.17
CA PRO A 267 -12.02 -22.85 -15.82
C PRO A 267 -13.24 -23.37 -15.07
N VAL A 268 -14.33 -22.61 -15.11
CA VAL A 268 -15.50 -22.98 -14.32
C VAL A 268 -16.53 -23.79 -15.12
N PRO A 269 -17.24 -24.70 -14.44
CA PRO A 269 -18.29 -25.50 -15.04
C PRO A 269 -19.52 -24.64 -15.22
N LEU A 270 -19.89 -24.36 -16.46
CA LEU A 270 -21.14 -23.70 -16.74
C LEU A 270 -22.30 -24.46 -16.10
N GLY A 271 -23.18 -23.72 -15.43
CA GLY A 271 -24.34 -24.30 -14.78
C GLY A 271 -25.58 -23.42 -14.85
N PRO A 272 -26.60 -23.75 -14.07
CA PRO A 272 -27.81 -22.93 -14.03
C PRO A 272 -27.56 -21.64 -13.25
N HIS A 273 -26.54 -21.66 -12.38
CA HIS A 273 -26.11 -20.49 -11.62
C HIS A 273 -24.77 -19.91 -12.09
N VAL A 274 -24.26 -20.42 -13.22
CA VAL A 274 -22.98 -19.98 -13.76
C VAL A 274 -23.01 -20.03 -15.27
N MET A 275 -23.25 -18.88 -15.90
CA MET A 275 -23.14 -18.77 -17.34
C MET A 275 -22.54 -17.40 -17.61
N PRO A 276 -21.92 -17.24 -18.79
CA PRO A 276 -21.38 -15.92 -19.08
C PRO A 276 -22.45 -14.98 -19.61
N VAL A 277 -22.14 -13.67 -19.57
CA VAL A 277 -22.96 -12.65 -20.21
C VAL A 277 -22.38 -12.38 -21.61
N CYS A 278 -23.20 -11.94 -22.55
CA CYS A 278 -22.75 -11.62 -23.91
C CYS A 278 -22.14 -10.23 -24.00
N LEU A 279 -21.11 -10.08 -24.83
CA LEU A 279 -20.48 -8.78 -25.06
C LEU A 279 -21.28 -7.99 -26.09
N PRO A 280 -21.21 -6.65 -26.02
CA PRO A 280 -21.92 -5.75 -26.94
C PRO A 280 -21.27 -5.70 -28.31
N ARG A 281 -22.07 -5.49 -29.35
CA ARG A 281 -21.50 -5.27 -30.67
C ARG A 281 -20.57 -4.10 -30.53
N LEU A 282 -19.72 -3.90 -31.53
CA LEU A 282 -18.76 -2.83 -31.49
C LEU A 282 -19.35 -1.61 -32.15
N GLU A 283 -20.35 -0.99 -31.50
CA GLU A 283 -20.84 0.31 -31.91
C GLU A 283 -20.17 1.47 -31.12
N PRO A 284 -20.19 2.69 -31.69
CA PRO A 284 -19.54 3.84 -31.06
C PRO A 284 -20.41 4.62 -30.06
N GLU A 285 -21.73 4.58 -30.21
CA GLU A 285 -22.60 5.38 -29.33
C GLU A 285 -22.82 4.77 -27.95
N GLY A 286 -23.09 5.65 -26.98
CA GLY A 286 -23.41 5.21 -25.63
C GLY A 286 -24.87 4.83 -25.58
N PRO A 287 -25.21 3.82 -24.75
CA PRO A 287 -26.60 3.35 -24.76
C PRO A 287 -27.55 4.53 -24.76
N ALA A 288 -28.58 4.46 -25.59
CA ALA A 288 -29.52 5.56 -25.72
C ALA A 288 -29.98 5.93 -24.34
N PRO A 289 -30.06 7.23 -24.06
CA PRO A 289 -30.59 7.84 -22.84
C PRO A 289 -31.94 7.25 -22.47
N HIS A 290 -32.20 7.11 -21.17
CA HIS A 290 -33.48 6.61 -20.63
C HIS A 290 -33.65 5.10 -20.69
N MET A 291 -32.85 4.46 -21.54
CA MET A 291 -32.83 3.01 -21.60
C MET A 291 -32.49 2.47 -20.21
N LEU A 292 -33.10 1.35 -19.85
CA LEU A 292 -32.98 0.79 -18.52
C LEU A 292 -32.05 -0.42 -18.46
N GLY A 293 -31.13 -0.42 -17.49
CA GLY A 293 -30.19 -1.52 -17.36
C GLY A 293 -30.26 -2.12 -15.98
N LEU A 294 -29.58 -3.24 -15.77
CA LEU A 294 -29.50 -3.78 -14.42
C LEU A 294 -28.09 -3.69 -13.88
N VAL A 295 -27.99 -3.58 -12.56
CA VAL A 295 -26.71 -3.60 -11.89
C VAL A 295 -26.86 -4.40 -10.63
N ALA A 296 -25.93 -5.32 -10.40
CA ALA A 296 -25.98 -6.18 -9.24
C ALA A 296 -24.61 -6.23 -8.59
N GLY A 297 -24.60 -6.10 -7.26
CA GLY A 297 -23.39 -6.18 -6.49
C GLY A 297 -23.71 -6.37 -5.03
N TRP A 298 -22.68 -6.24 -4.20
CA TRP A 298 -22.81 -6.41 -2.76
C TRP A 298 -22.49 -5.09 -2.09
N GLY A 299 -21.82 -4.20 -2.82
CA GLY A 299 -21.33 -2.95 -2.26
C GLY A 299 -22.28 -1.82 -2.52
N LEU A 318 -19.76 -4.96 1.47
CA LEU A 318 -20.76 -4.59 2.48
C LEU A 318 -21.77 -5.71 2.72
N SER A 319 -22.81 -5.78 1.87
CA SER A 319 -23.91 -6.73 2.09
C SER A 319 -23.49 -8.19 1.92
N ASP A 320 -24.30 -9.10 2.42
CA ASP A 320 -23.97 -10.52 2.39
C ASP A 320 -24.60 -11.26 1.23
N VAL A 321 -25.84 -10.88 0.92
CA VAL A 321 -26.54 -11.37 -0.26
C VAL A 321 -26.19 -10.46 -1.41
N LEU A 322 -26.40 -10.94 -2.64
CA LEU A 322 -26.24 -10.12 -3.82
C LEU A 322 -27.51 -9.31 -4.02
N GLN A 323 -27.39 -8.08 -4.51
CA GLN A 323 -28.58 -7.30 -4.84
C GLN A 323 -28.48 -6.66 -6.22
N TYR A 324 -29.62 -6.23 -6.76
CA TYR A 324 -29.65 -5.54 -8.02
C TYR A 324 -30.66 -4.39 -8.02
N VAL A 325 -30.54 -3.51 -9.01
CA VAL A 325 -31.43 -2.38 -9.17
C VAL A 325 -31.62 -2.12 -10.66
N LYS A 326 -32.78 -1.58 -11.05
CA LYS A 326 -32.94 -1.07 -12.39
C LYS A 326 -32.45 0.38 -12.40
N LEU A 327 -31.72 0.76 -13.43
CA LEU A 327 -31.24 2.14 -13.57
C LEU A 327 -31.37 2.56 -15.01
N PRO A 328 -31.71 3.83 -15.22
CA PRO A 328 -31.84 4.45 -16.53
C PRO A 328 -30.54 5.16 -16.91
N VAL A 329 -30.19 5.06 -18.18
CA VAL A 329 -29.02 5.73 -18.68
C VAL A 329 -29.33 7.21 -18.74
N VAL A 330 -28.31 8.04 -18.53
CA VAL A 330 -28.57 9.45 -18.35
C VAL A 330 -27.90 10.17 -19.48
N PRO A 331 -28.58 11.18 -20.05
CA PRO A 331 -28.07 11.89 -21.23
C PRO A 331 -26.62 12.34 -21.01
N HIS A 332 -25.77 11.99 -21.94
CA HIS A 332 -24.34 12.18 -21.75
C HIS A 332 -23.97 13.60 -21.32
N ALA A 333 -24.32 14.60 -22.12
CA ALA A 333 -24.04 16.01 -21.82
C ALA A 333 -24.34 16.43 -20.38
N GLU A 334 -25.50 15.99 -19.89
CA GLU A 334 -25.99 16.45 -18.61
C GLU A 334 -25.08 15.92 -17.52
N CYS A 335 -24.70 14.66 -17.66
CA CYS A 335 -23.86 14.01 -16.69
C CYS A 335 -22.49 14.69 -16.67
N LYS A 336 -21.96 14.90 -17.86
CA LYS A 336 -20.63 15.45 -18.03
C LYS A 336 -20.54 16.82 -17.38
N THR A 337 -21.58 17.64 -17.57
CA THR A 337 -21.55 19.00 -17.07
C THR A 337 -21.77 19.02 -15.55
N SER A 338 -22.62 18.14 -15.04
CA SER A 338 -22.69 17.99 -13.59
C SER A 338 -21.29 17.70 -12.98
N TYR A 339 -20.57 16.73 -13.55
CA TYR A 339 -19.18 16.48 -13.16
C TYR A 339 -18.20 17.50 -13.76
N GLU A 340 -18.59 18.77 -13.69
CA GLU A 340 -17.72 19.88 -14.12
C GLU A 340 -17.42 20.75 -12.91
N SER A 341 -18.28 20.66 -11.90
CA SER A 341 -18.03 21.27 -10.61
C SER A 341 -17.46 20.24 -9.64
N ARG A 342 -16.13 20.14 -9.59
CA ARG A 342 -15.45 19.24 -8.67
C ARG A 342 -15.69 19.63 -7.21
N TYR A 346 -14.03 14.33 -11.92
CA TYR A 346 -13.28 14.77 -13.10
C TYR A 346 -14.08 14.62 -14.41
N SER A 347 -13.42 14.24 -15.49
CA SER A 347 -14.06 14.32 -16.80
C SER A 347 -14.74 13.03 -17.32
N VAL A 348 -16.01 13.16 -17.72
CA VAL A 348 -16.71 12.03 -18.32
C VAL A 348 -16.56 12.04 -19.84
N THR A 349 -15.72 11.14 -20.33
CA THR A 349 -15.37 11.07 -21.76
C THR A 349 -16.35 10.26 -22.61
N GLU A 350 -16.04 10.13 -23.90
CA GLU A 350 -16.89 9.39 -24.83
C GLU A 350 -16.66 7.90 -24.70
N ASN A 351 -15.72 7.52 -23.84
CA ASN A 351 -15.54 6.13 -23.48
C ASN A 351 -16.34 5.79 -22.23
N MET A 352 -17.33 6.62 -21.93
CA MET A 352 -18.13 6.48 -20.72
C MET A 352 -19.59 6.88 -20.93
N PHE A 353 -20.45 6.33 -20.09
CA PHE A 353 -21.84 6.76 -20.07
C PHE A 353 -22.30 6.80 -18.63
N CYS A 354 -23.40 7.48 -18.37
CA CYS A 354 -23.89 7.56 -17.01
C CYS A 354 -25.24 6.91 -16.82
N ALA A 355 -25.49 6.44 -15.61
CA ALA A 355 -26.80 5.94 -15.23
C ALA A 355 -27.12 6.49 -13.86
N GLY A 356 -28.38 6.44 -13.46
CA GLY A 356 -28.76 6.85 -12.13
C GLY A 356 -29.94 7.78 -12.22
N TYR A 357 -30.54 8.09 -11.09
CA TYR A 357 -31.57 9.13 -11.05
C TYR A 357 -30.96 10.44 -10.59
N TYR A 358 -31.71 11.52 -10.73
CA TYR A 358 -31.20 12.84 -10.41
C TYR A 358 -31.15 13.09 -8.89
N GLU A 359 -31.85 12.26 -8.13
CA GLU A 359 -31.86 12.38 -6.67
C GLU A 359 -32.34 11.09 -6.02
N LYS A 362 -33.01 7.41 -3.49
CA LYS A 362 -32.54 6.59 -2.39
C LYS A 362 -31.36 5.70 -2.79
N ASP A 363 -31.13 4.64 -2.03
CA ASP A 363 -30.00 3.74 -2.28
C ASP A 363 -30.19 2.88 -3.53
N THR A 364 -29.69 3.39 -4.63
CA THR A 364 -29.60 2.64 -5.87
C THR A 364 -28.15 2.70 -6.36
N CYS A 365 -27.21 2.58 -5.40
CA CYS A 365 -25.77 2.59 -5.67
C CYS A 365 -25.13 1.37 -5.04
N LEU A 366 -25.23 0.24 -5.74
CA LEU A 366 -24.70 -1.03 -5.24
C LEU A 366 -23.25 -1.25 -5.61
N GLY A 367 -22.61 -0.29 -6.27
CA GLY A 367 -21.32 -0.57 -6.88
C GLY A 367 -20.26 0.49 -6.92
N ASP A 368 -19.13 0.19 -6.29
CA ASP A 368 -17.97 1.06 -6.29
C ASP A 368 -16.95 0.47 -7.26
N SER A 369 -17.16 -0.79 -7.62
CA SER A 369 -16.07 -1.68 -7.98
C SER A 369 -16.26 -2.57 -9.20
N GLY A 370 -16.73 -1.97 -10.29
CA GLY A 370 -16.70 -2.64 -11.56
C GLY A 370 -17.86 -3.58 -11.83
N GLU A 371 -18.92 -3.50 -11.03
CA GLU A 371 -20.09 -4.32 -11.30
C GLU A 371 -20.65 -3.98 -12.68
N ALA A 372 -21.19 -4.99 -13.37
CA ALA A 372 -21.66 -4.82 -14.73
C ALA A 372 -22.98 -4.05 -14.81
N PHE A 373 -23.16 -3.32 -15.91
CA PHE A 373 -24.41 -2.68 -16.26
C PHE A 373 -24.95 -3.45 -17.46
N VAL A 374 -25.94 -4.31 -17.21
CA VAL A 374 -26.43 -5.20 -18.26
C VAL A 374 -27.79 -4.77 -18.78
N ILE A 375 -27.98 -4.96 -20.05
CA ILE A 375 -29.20 -4.55 -20.69
C ILE A 375 -29.60 -5.72 -21.51
N PHE A 376 -30.89 -6.00 -21.53
CA PHE A 376 -31.39 -7.06 -22.36
C PHE A 376 -31.48 -6.52 -23.78
N ASP A 377 -30.77 -7.18 -24.69
CA ASP A 377 -30.76 -6.83 -26.11
C ASP A 377 -32.11 -7.15 -26.75
N ASP A 378 -32.40 -6.47 -27.85
CA ASP A 378 -33.66 -6.64 -28.52
C ASP A 378 -33.62 -7.92 -29.34
N LEU A 379 -33.17 -7.78 -30.59
CA LEU A 379 -33.04 -8.90 -31.50
C LEU A 379 -32.55 -10.16 -30.80
N SER A 380 -31.26 -10.16 -30.43
CA SER A 380 -30.59 -11.36 -29.92
C SER A 380 -31.35 -12.02 -28.77
N GLN A 381 -32.02 -11.20 -27.95
CA GLN A 381 -32.79 -11.77 -26.86
C GLN A 381 -31.86 -12.30 -25.79
N ARG A 382 -30.71 -11.65 -25.64
CA ARG A 382 -29.78 -12.06 -24.59
C ARG A 382 -29.29 -10.87 -23.78
N TRP A 383 -28.80 -11.16 -22.59
CA TRP A 383 -28.31 -10.12 -21.71
C TRP A 383 -26.91 -9.71 -22.13
N VAL A 384 -26.70 -8.41 -22.24
CA VAL A 384 -25.44 -7.87 -22.75
C VAL A 384 -24.83 -6.95 -21.71
N VAL A 385 -23.57 -7.16 -21.37
CA VAL A 385 -22.85 -6.24 -20.48
C VAL A 385 -22.51 -4.96 -21.23
N GLN A 386 -23.18 -3.85 -20.89
CA GLN A 386 -22.96 -2.60 -21.63
C GLN A 386 -21.93 -1.70 -20.95
N GLY A 387 -21.79 -1.89 -19.64
CA GLY A 387 -21.06 -0.98 -18.81
C GLY A 387 -20.38 -1.67 -17.65
N LEU A 388 -19.28 -1.08 -17.22
CA LEU A 388 -18.56 -1.46 -16.03
C LEU A 388 -18.49 -0.20 -15.17
N VAL A 389 -18.94 -0.30 -13.91
CA VAL A 389 -19.02 0.84 -12.97
C VAL A 389 -17.64 1.35 -12.70
N SER A 390 -17.36 2.59 -13.08
CA SER A 390 -16.01 3.10 -12.90
C SER A 390 -15.89 4.03 -11.70
N TRP A 391 -16.73 5.05 -11.65
CA TRP A 391 -16.71 5.99 -10.55
C TRP A 391 -18.04 6.68 -10.30
N GLY A 392 -17.98 7.68 -9.44
CA GLY A 392 -19.15 8.43 -8.99
C GLY A 392 -18.69 9.44 -7.95
N GLY A 393 -19.56 10.39 -7.65
CA GLY A 393 -19.26 11.41 -6.67
C GLY A 393 -19.12 10.87 -5.26
N PRO A 394 -18.25 11.50 -4.46
CA PRO A 394 -18.06 11.10 -3.06
C PRO A 394 -19.35 11.33 -2.28
N GLU A 395 -20.27 12.07 -2.89
CA GLU A 395 -21.49 12.47 -2.24
C GLU A 395 -22.35 11.28 -1.85
N GLU A 396 -23.35 11.57 -1.04
CA GLU A 396 -24.30 10.57 -0.57
C GLU A 396 -25.09 9.95 -1.71
N CYS A 397 -25.27 8.64 -1.64
CA CYS A 397 -25.99 7.87 -2.65
C CYS A 397 -27.45 8.34 -2.82
N GLY A 398 -27.70 9.07 -3.90
CA GLY A 398 -29.03 9.64 -4.16
C GLY A 398 -28.90 11.14 -4.24
N SER A 399 -27.72 11.62 -3.85
CA SER A 399 -27.39 13.04 -3.85
C SER A 399 -27.66 13.68 -5.21
N LYS A 400 -28.11 14.93 -5.19
CA LYS A 400 -28.54 15.68 -6.39
C LYS A 400 -27.66 15.48 -7.64
N GLN A 401 -28.23 14.85 -8.68
CA GLN A 401 -27.53 14.67 -9.95
C GLN A 401 -26.14 14.01 -9.84
N VAL A 402 -25.98 13.11 -8.88
CA VAL A 402 -24.72 12.37 -8.74
C VAL A 402 -24.82 10.99 -9.40
N TYR A 403 -24.60 11.01 -10.70
CA TYR A 403 -24.79 9.88 -11.59
C TYR A 403 -23.60 8.94 -11.57
N GLY A 404 -23.88 7.64 -11.61
CA GLY A 404 -22.83 6.64 -11.71
C GLY A 404 -22.22 6.68 -13.08
N VAL A 405 -20.90 6.64 -13.15
CA VAL A 405 -20.22 6.69 -14.44
C VAL A 405 -19.70 5.32 -14.83
N TYR A 406 -19.89 4.94 -16.08
CA TYR A 406 -19.58 3.59 -16.51
C TYR A 406 -18.62 3.55 -17.67
N THR A 407 -17.68 2.62 -17.60
CA THR A 407 -16.87 2.34 -18.76
C THR A 407 -17.82 1.84 -19.87
N LYS A 408 -17.71 2.43 -21.06
CA LYS A 408 -18.48 1.96 -22.23
C LYS A 408 -17.85 0.72 -22.88
N VAL A 409 -18.35 -0.46 -22.52
CA VAL A 409 -17.76 -1.73 -22.98
C VAL A 409 -17.76 -1.90 -24.50
N SER A 410 -18.72 -1.29 -25.20
CA SER A 410 -18.73 -1.44 -26.66
C SER A 410 -17.48 -0.84 -27.29
N ASN A 411 -16.78 0.04 -26.56
CA ASN A 411 -15.56 0.64 -27.08
C ASN A 411 -14.28 -0.17 -26.83
N TYR A 412 -14.41 -1.34 -26.19
CA TYR A 412 -13.23 -2.12 -25.83
C TYR A 412 -13.34 -3.60 -26.21
N VAL A 413 -14.44 -3.97 -26.86
CA VAL A 413 -14.67 -5.38 -27.19
C VAL A 413 -13.56 -5.93 -28.07
N ASP A 414 -13.16 -5.18 -29.09
CA ASP A 414 -12.06 -5.65 -29.92
C ASP A 414 -10.87 -5.97 -29.04
N TRP A 415 -10.60 -5.09 -28.07
CA TRP A 415 -9.52 -5.30 -27.14
C TRP A 415 -9.81 -6.51 -26.28
N VAL A 416 -11.04 -6.63 -25.79
CA VAL A 416 -11.40 -7.79 -24.97
C VAL A 416 -11.19 -9.15 -25.70
N TRP A 417 -11.69 -9.26 -26.94
CA TRP A 417 -11.54 -10.49 -27.74
C TRP A 417 -10.07 -10.79 -28.04
N GLU A 418 -9.32 -9.73 -28.31
CA GLU A 418 -7.90 -9.84 -28.56
C GLU A 418 -7.16 -10.44 -27.34
N GLN A 419 -7.59 -10.13 -26.12
CA GLN A 419 -6.95 -10.74 -24.95
C GLN A 419 -7.34 -12.21 -24.82
N MET A 420 -8.55 -12.54 -25.23
CA MET A 420 -9.10 -13.88 -25.03
C MET A 420 -8.69 -14.83 -26.14
N GLY A 421 -8.03 -14.29 -27.15
CA GLY A 421 -7.50 -15.09 -28.25
C GLY A 421 -8.56 -15.43 -29.28
N LEU A 422 -9.57 -14.58 -29.37
CA LEU A 422 -10.83 -14.96 -30.02
C LEU A 422 -10.87 -14.83 -31.55
N PRO A 423 -10.52 -13.65 -32.10
CA PRO A 423 -10.42 -12.37 -31.40
C PRO A 423 -11.50 -11.43 -31.94
N GLY B 3 61.12 17.34 85.34
CA GLY B 3 60.60 17.30 83.99
C GLY B 3 61.08 18.47 83.12
N ASN B 4 62.12 18.22 82.32
CA ASN B 4 62.72 19.24 81.46
C ASN B 4 61.77 19.91 80.47
N GLU B 5 62.16 21.12 80.04
CA GLU B 5 61.40 21.90 79.06
C GLU B 5 61.71 21.38 77.67
N CYS B 6 60.66 21.15 76.88
CA CYS B 6 60.82 20.82 75.47
C CYS B 6 60.75 22.13 74.70
N PRO B 7 61.40 22.20 73.53
CA PRO B 7 61.46 23.48 72.82
C PRO B 7 60.14 23.89 72.16
N GLU B 8 60.01 25.19 71.94
CA GLU B 8 58.88 25.75 71.24
C GLU B 8 58.60 25.03 69.90
N LEU B 9 57.33 24.93 69.54
CA LEU B 9 56.95 24.39 68.24
C LEU B 9 56.35 25.48 67.35
N GLN B 10 56.68 25.44 66.07
CA GLN B 10 55.99 26.23 65.05
C GLN B 10 54.83 25.40 64.47
N PRO B 11 53.61 25.92 64.55
CA PRO B 11 52.44 25.22 64.01
C PRO B 11 52.59 25.27 62.51
N PRO B 12 52.27 24.17 61.80
CA PRO B 12 52.45 24.17 60.35
C PRO B 12 51.70 25.31 59.65
N VAL B 13 52.23 25.73 58.51
CA VAL B 13 51.52 26.71 57.70
C VAL B 13 50.16 26.15 57.32
N HIS B 14 49.13 26.98 57.38
CA HIS B 14 47.75 26.52 57.17
C HIS B 14 47.27 25.52 58.22
N GLY B 15 47.91 25.56 59.38
CA GLY B 15 47.56 24.66 60.47
C GLY B 15 47.74 25.27 61.85
N LYS B 16 47.66 24.39 62.85
CA LYS B 16 47.65 24.82 64.24
C LYS B 16 48.09 23.69 65.17
N ILE B 17 48.24 24.01 66.46
CA ILE B 17 48.67 23.05 67.46
C ILE B 17 47.79 23.14 68.69
N GLU B 18 47.45 21.99 69.27
CA GLU B 18 46.60 21.94 70.46
C GLU B 18 47.18 21.00 71.50
N PRO B 19 47.49 21.54 72.68
CA PRO B 19 47.21 22.94 73.00
C PRO B 19 48.43 23.82 72.77
N SER B 20 48.16 25.07 72.43
CA SER B 20 49.21 26.05 72.19
C SER B 20 49.70 26.68 73.52
N GLN B 21 50.95 26.40 73.90
CA GLN B 21 51.50 26.83 75.18
C GLN B 21 52.86 27.47 74.96
N ALA B 22 53.21 28.46 75.77
CA ALA B 22 54.56 29.04 75.73
C ALA B 22 55.65 28.01 75.97
N LYS B 23 55.51 27.21 77.03
CA LYS B 23 56.49 26.19 77.39
C LYS B 23 55.88 24.81 77.43
N TYR B 24 56.67 23.79 77.17
CA TYR B 24 56.17 22.42 77.20
C TYR B 24 57.04 21.60 78.13
N PHE B 25 56.41 20.69 78.86
CA PHE B 25 57.18 19.91 79.82
C PHE B 25 56.99 18.41 79.63
N PHE B 26 57.95 17.65 80.11
CA PHE B 26 57.90 16.20 79.96
C PHE B 26 56.47 15.69 80.17
N LYS B 27 55.96 14.93 79.20
CA LYS B 27 54.61 14.36 79.25
C LYS B 27 53.54 15.18 78.50
N ASP B 28 53.87 16.40 78.07
CA ASP B 28 52.95 17.15 77.24
C ASP B 28 52.67 16.50 75.88
N GLN B 29 51.40 16.49 75.48
CA GLN B 29 51.00 16.00 74.18
C GLN B 29 50.33 17.13 73.44
N VAL B 30 50.79 17.39 72.21
CA VAL B 30 50.04 18.26 71.32
C VAL B 30 49.45 17.46 70.15
N LEU B 31 48.30 17.91 69.67
CA LEU B 31 47.71 17.39 68.45
C LEU B 31 47.97 18.40 67.36
N VAL B 32 48.63 17.99 66.28
CA VAL B 32 48.73 18.87 65.11
C VAL B 32 47.56 18.56 64.20
N SER B 33 46.99 19.62 63.60
CA SER B 33 45.87 19.49 62.66
C SER B 33 45.89 20.65 61.65
N CYS B 34 45.12 20.56 60.57
CA CYS B 34 45.20 21.62 59.57
C CYS B 34 43.93 22.44 59.41
N ASP B 35 44.06 23.66 58.88
CA ASP B 35 42.91 24.49 58.54
C ASP B 35 41.93 23.73 57.66
N THR B 36 40.68 24.18 57.68
CA THR B 36 39.65 23.70 56.77
C THR B 36 40.19 23.68 55.35
N GLY B 37 39.83 22.66 54.58
CA GLY B 37 40.28 22.58 53.20
C GLY B 37 41.74 22.22 53.11
N TYR B 38 42.27 21.67 54.20
CA TYR B 38 43.63 21.12 54.21
C TYR B 38 43.63 19.81 54.98
N LYS B 39 44.68 19.02 54.78
CA LYS B 39 44.84 17.78 55.50
C LYS B 39 46.28 17.71 56.02
N VAL B 40 46.49 17.03 57.15
CA VAL B 40 47.82 16.79 57.69
C VAL B 40 48.58 15.78 56.83
N LEU B 41 49.78 16.16 56.43
CA LEU B 41 50.61 15.28 55.65
C LEU B 41 51.76 14.84 56.54
N LYS B 42 51.85 13.56 56.85
CA LYS B 42 53.00 13.05 57.61
C LYS B 42 53.79 12.08 56.78
N ASP B 43 54.98 12.51 56.41
CA ASP B 43 55.77 11.78 55.44
C ASP B 43 55.01 12.00 54.12
N ASN B 44 54.30 11.00 53.59
CA ASN B 44 53.51 11.32 52.41
C ASN B 44 52.10 10.80 52.51
N VAL B 45 51.58 10.81 53.73
CA VAL B 45 50.34 10.16 54.08
C VAL B 45 49.44 11.20 54.73
N GLU B 46 48.23 11.39 54.19
CA GLU B 46 47.32 12.38 54.71
C GLU B 46 46.64 11.86 55.95
N MET B 47 46.18 12.77 56.82
CA MET B 47 45.47 12.43 58.06
C MET B 47 44.87 13.69 58.71
N ASP B 48 43.88 13.49 59.58
CA ASP B 48 43.20 14.62 60.21
C ASP B 48 44.08 15.29 61.24
N THR B 49 44.78 14.45 62.01
CA THR B 49 45.54 14.90 63.15
C THR B 49 46.84 14.12 63.24
N PHE B 50 47.79 14.69 63.95
CA PHE B 50 49.04 14.00 64.26
C PHE B 50 49.48 14.42 65.65
N GLN B 51 49.92 13.43 66.41
CA GLN B 51 50.28 13.68 67.79
C GLN B 51 51.77 13.57 68.06
N ILE B 52 52.27 14.52 68.85
CA ILE B 52 53.66 14.49 69.27
C ILE B 52 53.66 14.77 70.76
N GLU B 53 54.58 14.15 71.50
CA GLU B 53 54.66 14.46 72.93
C GLU B 53 56.07 14.81 73.36
N CYS B 54 56.15 15.58 74.45
CA CYS B 54 57.41 15.99 75.01
C CYS B 54 57.97 14.88 75.86
N LEU B 55 59.21 14.50 75.59
CA LEU B 55 59.81 13.32 76.18
C LEU B 55 60.71 13.65 77.37
N LYS B 56 61.08 12.61 78.11
CA LYS B 56 61.86 12.74 79.35
C LYS B 56 63.15 13.53 79.15
N ASP B 57 63.76 13.37 77.98
CA ASP B 57 65.01 14.03 77.65
C ASP B 57 64.82 15.43 77.05
N GLY B 58 63.60 15.96 77.09
CA GLY B 58 63.36 17.31 76.60
C GLY B 58 63.29 17.45 75.08
N THR B 59 63.15 16.32 74.37
CA THR B 59 62.92 16.36 72.93
C THR B 59 61.58 15.79 72.54
N TRP B 60 61.02 16.33 71.46
CA TRP B 60 59.72 15.93 70.96
C TRP B 60 59.81 14.60 70.25
N SER B 61 58.75 13.81 70.33
CA SER B 61 58.75 12.46 69.81
C SER B 61 58.79 12.50 68.30
N ASN B 62 58.50 13.67 67.74
CA ASN B 62 58.47 13.85 66.29
C ASN B 62 58.46 15.29 65.86
N LYS B 63 58.75 15.50 64.58
CA LYS B 63 58.71 16.84 64.01
C LYS B 63 57.28 17.24 63.66
N ILE B 64 57.01 18.54 63.71
CA ILE B 64 55.73 19.06 63.25
C ILE B 64 55.60 18.70 61.77
N PRO B 65 54.49 18.05 61.41
CA PRO B 65 54.27 17.68 60.00
C PRO B 65 53.81 18.88 59.18
N THR B 66 53.13 18.61 58.07
CA THR B 66 52.87 19.62 57.06
C THR B 66 51.45 19.54 56.55
N CYS B 67 50.92 20.66 56.08
CA CYS B 67 49.52 20.71 55.64
C CYS B 67 49.33 20.68 54.10
N LYS B 68 48.68 19.63 53.60
CA LYS B 68 48.45 19.50 52.17
C LYS B 68 47.05 19.96 51.78
N ILE B 69 46.99 20.89 50.83
CA ILE B 69 45.73 21.43 50.35
C ILE B 69 44.94 20.36 49.61
N VAL B 70 43.60 20.44 49.71
CA VAL B 70 42.72 19.44 49.13
C VAL B 70 42.49 19.66 47.63
N ASP B 71 42.44 18.56 46.87
CA ASP B 71 42.28 18.63 45.43
C ASP B 71 40.91 18.11 45.03
N CYS B 72 40.23 18.82 44.12
CA CYS B 72 38.94 18.35 43.61
C CYS B 72 39.16 17.64 42.30
N ARG B 73 40.40 17.69 41.80
CA ARG B 73 40.79 17.01 40.57
C ARG B 73 40.04 17.61 39.38
N ALA B 74 40.09 16.94 38.23
CA ALA B 74 39.38 17.44 37.05
C ALA B 74 37.88 17.56 37.28
N PRO B 75 37.32 18.74 37.01
CA PRO B 75 35.86 18.90 37.08
C PRO B 75 35.23 18.12 35.93
N GLY B 76 33.99 17.67 36.11
CA GLY B 76 33.32 16.87 35.10
C GLY B 76 33.00 17.70 33.87
N GLU B 77 33.06 17.11 32.69
CA GLU B 77 32.70 17.87 31.49
C GLU B 77 31.18 18.05 31.40
N LEU B 78 30.75 19.12 30.73
CA LEU B 78 29.32 19.36 30.57
C LEU B 78 28.93 19.02 29.13
N GLU B 79 27.80 18.33 28.95
CA GLU B 79 27.33 18.04 27.61
C GLU B 79 26.84 19.32 26.96
N HIS B 80 27.34 19.61 25.76
CA HIS B 80 27.01 20.82 25.04
C HIS B 80 27.51 22.04 25.82
N GLY B 81 28.67 21.89 26.45
CA GLY B 81 29.15 22.86 27.40
C GLY B 81 30.66 22.94 27.46
N LEU B 82 31.13 24.00 28.11
CA LEU B 82 32.54 24.31 28.18
C LEU B 82 32.88 24.56 29.64
N ILE B 83 34.11 24.24 30.00
CA ILE B 83 34.65 24.62 31.30
C ILE B 83 35.73 25.69 31.10
N THR B 84 35.67 26.75 31.89
CA THR B 84 36.71 27.73 31.87
C THR B 84 37.21 27.91 33.29
N PHE B 85 38.50 27.65 33.48
CA PHE B 85 39.10 27.83 34.78
C PHE B 85 39.35 29.30 35.04
N SER B 86 39.21 29.73 36.28
CA SER B 86 39.52 31.10 36.61
C SER B 86 41.00 31.44 36.35
N THR B 87 41.90 30.60 36.85
CA THR B 87 43.33 30.79 36.60
C THR B 87 43.70 30.28 35.23
N ARG B 88 44.73 30.89 34.63
CA ARG B 88 45.32 30.36 33.40
C ARG B 88 46.11 29.07 33.67
N ASN B 89 46.33 28.75 34.95
CA ASN B 89 47.01 27.51 35.29
C ASN B 89 46.07 26.36 35.58
N ASN B 90 44.77 26.66 35.62
CA ASN B 90 43.72 25.66 35.75
C ASN B 90 43.79 24.91 37.07
N LEU B 91 43.83 25.65 38.17
CA LEU B 91 43.97 25.00 39.48
C LEU B 91 42.69 24.25 39.92
N THR B 92 42.86 23.07 40.49
CA THR B 92 41.71 22.26 40.86
C THR B 92 41.63 22.03 42.36
N THR B 93 42.43 22.76 43.11
CA THR B 93 42.44 22.62 44.56
C THR B 93 41.46 23.56 45.30
N TYR B 94 41.47 23.48 46.63
CA TYR B 94 40.50 24.16 47.48
C TYR B 94 40.33 25.65 47.15
N LYS B 95 39.08 26.06 46.92
CA LYS B 95 38.76 27.47 46.65
C LYS B 95 39.02 27.95 45.21
N SER B 96 39.73 27.15 44.42
CA SER B 96 39.81 27.36 42.98
C SER B 96 38.40 27.34 42.39
N GLU B 97 38.21 28.08 41.31
CA GLU B 97 36.87 28.28 40.76
C GLU B 97 36.83 28.07 39.28
N ILE B 98 35.69 27.54 38.81
CA ILE B 98 35.50 27.30 37.38
C ILE B 98 34.13 27.82 36.99
N LYS B 99 33.95 28.12 35.71
CA LYS B 99 32.60 28.37 35.16
C LYS B 99 32.27 27.34 34.08
N TYR B 100 31.10 26.73 34.19
CA TYR B 100 30.53 26.02 33.05
C TYR B 100 29.72 27.02 32.23
N SER B 101 29.85 26.96 30.92
CA SER B 101 28.93 27.68 30.04
C SER B 101 28.47 26.74 28.91
N CYS B 102 27.25 26.93 28.41
CA CYS B 102 26.73 26.12 27.30
C CYS B 102 27.14 26.65 25.92
N GLN B 103 27.11 25.78 24.90
CA GLN B 103 27.42 26.20 23.54
C GLN B 103 26.34 27.16 23.02
N GLU B 104 26.67 28.46 23.00
CA GLU B 104 25.74 29.46 22.53
C GLU B 104 25.86 29.70 21.04
N PRO B 105 24.74 30.08 20.41
CA PRO B 105 23.43 30.26 21.02
C PRO B 105 22.59 29.00 20.93
N TYR B 106 23.19 27.92 20.45
CA TYR B 106 22.48 26.70 20.20
C TYR B 106 21.96 26.04 21.47
N TYR B 107 22.55 26.37 22.61
CA TYR B 107 22.08 25.84 23.90
C TYR B 107 22.06 26.90 24.98
N LYS B 108 21.25 26.66 26.00
CA LYS B 108 21.16 27.55 27.14
C LYS B 108 20.99 26.73 28.42
N MET B 109 21.51 27.25 29.53
CA MET B 109 21.46 26.56 30.80
C MET B 109 20.09 26.63 31.49
N LEU B 110 19.60 25.46 31.86
CA LEU B 110 18.41 25.38 32.70
C LEU B 110 18.60 26.23 33.96
N ASN B 111 17.68 27.15 34.21
CA ASN B 111 17.80 28.08 35.34
C ASN B 111 19.12 28.86 35.32
N THR B 114 23.89 27.43 37.26
CA THR B 114 24.36 28.83 37.26
C THR B 114 25.80 29.01 36.71
N GLY B 115 26.56 27.91 36.66
CA GLY B 115 27.86 27.96 36.01
C GLY B 115 29.05 27.91 36.94
N ILE B 116 29.12 28.85 37.88
CA ILE B 116 30.30 28.93 38.74
C ILE B 116 30.33 27.77 39.72
N TYR B 117 31.40 26.98 39.63
CA TYR B 117 31.68 25.93 40.61
C TYR B 117 33.01 26.21 41.31
N THR B 118 33.02 26.01 42.62
CA THR B 118 34.21 26.22 43.44
C THR B 118 34.59 24.94 44.17
N CYS B 119 35.90 24.72 44.31
CA CYS B 119 36.40 23.54 44.99
C CYS B 119 36.18 23.61 46.49
N SER B 120 35.31 22.75 47.02
CA SER B 120 34.95 22.83 48.43
C SER B 120 36.01 22.24 49.33
N ALA B 121 35.82 22.42 50.63
CA ALA B 121 36.73 21.91 51.65
C ALA B 121 36.77 20.39 51.72
N GLN B 122 35.76 19.71 51.18
CA GLN B 122 35.78 18.26 51.18
C GLN B 122 36.18 17.69 49.83
N GLY B 123 36.76 18.54 48.99
CA GLY B 123 37.26 18.12 47.69
C GLY B 123 36.20 17.87 46.64
N VAL B 124 35.03 18.47 46.80
CA VAL B 124 33.96 18.33 45.82
C VAL B 124 33.66 19.67 45.16
N TRP B 125 33.52 19.67 43.84
CA TRP B 125 33.23 20.92 43.13
C TRP B 125 31.77 21.29 43.39
N MET B 126 31.55 22.46 43.97
CA MET B 126 30.21 22.82 44.42
C MET B 126 29.73 24.14 43.83
N ASN B 127 28.44 24.15 43.50
CA ASN B 127 27.79 25.35 43.00
C ASN B 127 26.67 25.71 43.98
N LYS B 128 26.53 26.99 44.33
CA LYS B 128 25.56 27.37 45.38
C LYS B 128 24.15 26.76 45.21
N VAL B 129 23.62 26.76 43.98
CA VAL B 129 22.30 26.19 43.74
C VAL B 129 22.32 24.70 43.44
N LEU B 130 22.98 24.32 42.35
CA LEU B 130 22.92 22.94 41.86
C LEU B 130 23.75 21.97 42.71
N GLY B 131 24.57 22.54 43.59
CA GLY B 131 25.43 21.78 44.48
C GLY B 131 26.59 21.12 43.76
N ARG B 132 26.62 19.79 43.82
CA ARG B 132 27.66 19.01 43.16
C ARG B 132 27.07 18.38 41.91
N SER B 133 25.91 18.85 41.49
CA SER B 133 25.29 18.33 40.29
C SER B 133 25.63 19.24 39.11
N LEU B 134 26.02 18.62 38.01
CA LEU B 134 26.39 19.39 36.84
C LEU B 134 25.17 20.15 36.30
N PRO B 135 25.40 21.35 35.76
CA PRO B 135 24.32 22.08 35.09
C PRO B 135 23.81 21.23 33.96
N THR B 136 22.66 21.55 33.37
CA THR B 136 22.26 20.88 32.14
C THR B 136 22.03 21.88 31.00
N CYS B 137 22.60 21.56 29.85
CA CYS B 137 22.40 22.38 28.67
C CYS B 137 21.21 21.93 27.80
N LEU B 138 20.26 22.83 27.61
CA LEU B 138 19.12 22.57 26.73
C LEU B 138 19.15 23.44 25.47
N PRO B 139 18.70 22.87 24.33
CA PRO B 139 18.80 23.63 23.09
C PRO B 139 17.85 24.82 23.09
N GLU B 140 18.23 25.83 22.32
CA GLU B 140 17.43 27.01 22.08
C GLU B 140 16.52 26.82 20.85
N CYS B 141 15.23 26.75 21.09
CA CYS B 141 14.30 26.62 19.98
C CYS B 141 13.87 28.00 19.46
N GLY B 142 13.76 28.12 18.15
CA GLY B 142 13.08 29.24 17.54
C GLY B 142 13.85 30.52 17.34
N GLN B 143 15.17 30.48 17.37
CA GLN B 143 15.96 31.70 17.17
C GLN B 143 16.97 31.56 16.05
N PRO B 144 16.48 31.75 14.84
CA PRO B 144 17.23 31.54 13.60
C PRO B 144 18.46 32.42 13.52
N SER B 145 19.48 31.85 12.87
CA SER B 145 20.75 32.48 12.65
C SER B 145 20.55 33.77 11.87
N ARG B 146 20.05 33.67 10.65
CA ARG B 146 19.73 34.85 9.85
C ARG B 146 18.28 35.32 10.07
N SER B 147 17.99 36.56 9.71
CA SER B 147 16.62 37.04 9.79
C SER B 147 16.03 37.32 8.40
N LEU B 148 14.70 37.37 8.32
CA LEU B 148 14.01 37.60 7.04
C LEU B 148 14.31 38.95 6.41
N PRO B 149 14.63 38.95 5.10
CA PRO B 149 14.78 40.16 4.28
C PRO B 149 13.69 41.17 4.62
N SER B 150 14.06 42.43 4.78
CA SER B 150 13.08 43.46 5.14
C SER B 150 12.92 44.51 4.04
N LEU B 151 13.00 44.07 2.79
CA LEU B 151 13.01 44.99 1.65
C LEU B 151 11.72 45.79 1.50
N VAL B 152 11.88 47.06 1.13
CA VAL B 152 10.75 47.99 0.97
C VAL B 152 9.87 47.61 -0.20
N GLN B 153 10.51 47.08 -1.24
CA GLN B 153 9.86 46.77 -2.50
C GLN B 153 9.95 45.27 -2.76
N ARG B 154 8.87 44.58 -2.44
CA ARG B 154 8.81 43.13 -2.55
C ARG B 154 7.40 42.68 -2.90
N ILE B 155 7.28 41.47 -3.39
CA ILE B 155 6.03 41.07 -4.00
C ILE B 155 5.49 39.77 -3.42
N ILE B 156 4.19 39.79 -3.13
CA ILE B 156 3.51 38.59 -2.66
C ILE B 156 3.88 37.43 -3.55
N GLY B 157 4.23 36.31 -2.93
CA GLY B 157 4.67 35.13 -3.65
C GLY B 157 5.83 34.46 -2.94
N GLY B 158 5.97 33.18 -3.19
CA GLY B 158 7.08 32.47 -2.60
C GLY B 158 8.41 32.98 -3.13
N ARG B 159 9.36 33.16 -2.22
CA ARG B 159 10.74 33.53 -2.56
C ARG B 159 11.64 32.37 -2.16
N ASN B 160 12.88 32.40 -2.61
CA ASN B 160 13.85 31.41 -2.20
C ASN B 160 14.30 31.64 -0.77
N ALA B 161 14.48 30.54 -0.05
CA ALA B 161 15.04 30.60 1.29
C ALA B 161 16.54 30.78 1.16
N GLU B 162 17.11 31.64 1.98
CA GLU B 162 18.55 31.80 2.04
C GLU B 162 19.02 30.96 3.22
N PRO B 163 20.26 30.47 3.17
CA PRO B 163 20.85 29.64 4.22
C PRO B 163 20.80 30.34 5.56
N GLY B 164 20.22 29.67 6.55
CA GLY B 164 20.05 30.23 7.89
C GLY B 164 18.59 30.56 8.17
N LEU B 165 17.82 30.64 7.10
CA LEU B 165 16.42 31.05 7.22
C LEU B 165 15.53 30.04 7.94
N PHE B 166 15.45 28.81 7.48
CA PHE B 166 14.53 27.94 8.19
C PHE B 166 15.28 26.75 8.74
N PRO B 167 15.92 26.94 9.90
CA PRO B 167 16.87 25.97 10.44
C PRO B 167 16.17 24.69 10.89
N TRP B 168 14.86 24.73 11.08
CA TRP B 168 14.13 23.56 11.54
C TRP B 168 13.57 22.73 10.38
N GLN B 169 13.77 23.20 9.16
CA GLN B 169 13.16 22.56 8.02
C GLN B 169 13.84 21.25 7.78
N ALA B 170 13.05 20.19 7.66
CA ALA B 170 13.57 18.86 7.32
C ALA B 170 12.94 18.38 6.04
N LEU B 171 13.75 17.74 5.20
CA LEU B 171 13.24 16.99 4.07
C LEU B 171 13.03 15.53 4.49
N ILE B 172 11.81 15.04 4.29
CA ILE B 172 11.47 13.67 4.62
C ILE B 172 11.38 12.80 3.36
N VAL B 173 12.29 11.83 3.21
CA VAL B 173 12.27 10.97 2.01
C VAL B 173 11.88 9.54 2.30
N VAL B 174 10.67 9.15 1.89
CA VAL B 174 10.24 7.76 2.00
C VAL B 174 10.60 6.99 0.74
N GLU B 175 11.23 5.84 0.93
CA GLU B 175 11.62 4.97 -0.17
C GLU B 175 11.20 3.56 0.21
N ASP B 176 9.90 3.29 0.04
CA ASP B 176 9.28 2.02 0.35
C ASP B 176 9.73 0.93 -0.63
N THR B 177 10.60 0.06 -0.15
CA THR B 177 11.18 -1.00 -0.99
C THR B 177 10.44 -2.32 -0.80
N SER B 178 9.41 -2.29 0.03
CA SER B 178 8.46 -3.40 0.19
C SER B 178 7.54 -3.49 -1.04
N ARG B 179 7.58 -2.50 -1.90
CA ARG B 179 6.79 -2.53 -3.12
C ARG B 179 7.71 -2.80 -4.27
N VAL B 180 7.14 -3.26 -5.37
CA VAL B 180 7.91 -3.46 -6.58
C VAL B 180 7.07 -2.94 -7.73
N PRO B 181 7.56 -1.89 -8.42
CA PRO B 181 8.83 -1.24 -8.09
C PRO B 181 8.76 -0.37 -6.83
N ASN B 182 9.86 0.28 -6.48
CA ASN B 182 9.91 1.14 -5.30
C ASN B 182 8.93 2.30 -5.35
N ASP B 183 8.13 2.41 -4.30
CA ASP B 183 7.21 3.52 -4.20
C ASP B 183 7.84 4.62 -3.32
N LYS B 184 8.20 5.75 -3.92
CA LYS B 184 8.92 6.77 -3.16
C LYS B 184 8.33 8.19 -3.20
N TRP B 185 8.30 8.82 -2.03
CA TRP B 185 7.77 10.17 -1.95
C TRP B 185 8.48 10.97 -0.91
N PHE B 186 8.10 12.24 -0.79
CA PHE B 186 8.76 13.15 0.12
C PHE B 186 7.73 13.90 0.91
N GLY B 187 8.17 14.47 2.03
CA GLY B 187 7.37 15.38 2.82
C GLY B 187 8.29 16.34 3.54
N SER B 188 7.72 17.15 4.44
CA SER B 188 8.48 18.15 5.19
C SER B 188 8.22 17.94 6.66
N GLY B 189 9.23 18.20 7.48
CA GLY B 189 9.05 18.19 8.92
C GLY B 189 9.76 19.36 9.52
N ALA B 190 9.53 19.57 10.81
CA ALA B 190 10.20 20.63 11.54
C ALA B 190 10.85 20.01 12.75
N LEU B 191 12.13 20.28 12.95
CA LEU B 191 12.85 19.79 14.12
C LEU B 191 12.21 20.33 15.41
N LEU B 192 11.92 19.44 16.36
CA LEU B 192 11.44 19.90 17.67
C LEU B 192 12.59 19.85 18.68
N SER B 193 13.61 19.07 18.31
CA SER B 193 14.91 19.04 19.00
C SER B 193 15.91 18.20 18.22
N ALA B 194 16.93 17.74 18.92
CA ALA B 194 18.05 17.11 18.22
C ALA B 194 17.63 15.79 17.59
N SER B 195 16.60 15.18 18.14
CA SER B 195 16.30 13.79 17.79
C SER B 195 14.85 13.56 17.35
N TRP B 196 14.08 14.65 17.25
CA TRP B 196 12.68 14.55 16.85
C TRP B 196 12.30 15.56 15.78
N ILE B 197 11.39 15.16 14.89
CA ILE B 197 10.87 16.06 13.89
C ILE B 197 9.37 15.91 13.84
N LEU B 198 8.66 17.03 13.67
CA LEU B 198 7.21 17.03 13.67
C LEU B 198 6.72 17.18 12.23
N THR B 199 5.82 16.30 11.80
CA THR B 199 5.17 16.40 10.48
C THR B 199 3.69 15.97 10.51
N ALA B 200 3.13 15.66 9.35
CA ALA B 200 1.72 15.28 9.28
C ALA B 200 1.58 13.77 9.12
N ALA B 201 0.69 13.15 9.90
CA ALA B 201 0.47 11.71 9.75
C ALA B 201 0.31 11.26 8.28
N HIS B 202 -0.37 12.07 7.46
CA HIS B 202 -0.72 11.60 6.11
C HIS B 202 0.50 11.40 5.22
N VAL B 203 1.61 12.05 5.59
CA VAL B 203 2.88 11.87 4.89
C VAL B 203 3.51 10.54 5.27
N LEU B 204 3.21 10.04 6.47
CA LEU B 204 3.90 8.85 6.93
C LEU B 204 3.01 7.60 6.99
N ARG B 205 1.78 7.70 6.49
CA ARG B 205 0.89 6.53 6.54
C ARG B 205 1.07 5.69 5.31
N SER B 206 0.89 4.39 5.49
CA SER B 206 1.12 3.46 4.41
C SER B 206 -0.09 3.34 3.49
N GLN B 207 0.21 3.38 2.21
CA GLN B 207 -0.78 3.34 1.15
C GLN B 207 -1.42 1.95 1.00
N ARG B 208 -2.64 1.79 1.50
CA ARG B 208 -3.34 0.51 1.37
C ARG B 208 -4.68 0.66 0.67
N ARG B 209 -5.21 -0.47 0.23
CA ARG B 209 -6.56 -0.52 -0.34
C ARG B 209 -7.58 -0.64 0.77
N ASP B 210 -7.25 -1.41 1.81
CA ASP B 210 -8.17 -1.53 2.93
C ASP B 210 -8.11 -0.24 3.67
N THR B 211 -8.74 -0.17 4.83
CA THR B 211 -8.83 1.10 5.56
C THR B 211 -7.93 1.17 6.81
N THR B 212 -7.29 0.05 7.15
CA THR B 212 -6.38 0.01 8.29
C THR B 212 -5.31 1.11 8.16
N VAL B 213 -4.88 1.63 9.31
CA VAL B 213 -3.94 2.75 9.33
C VAL B 213 -2.59 2.29 9.87
N ILE B 214 -1.63 2.18 8.97
CA ILE B 214 -0.32 1.65 9.30
C ILE B 214 0.72 2.71 8.98
N PRO B 215 1.63 2.98 9.93
CA PRO B 215 2.78 3.81 9.55
C PRO B 215 3.72 3.10 8.60
N VAL B 216 4.28 3.85 7.66
CA VAL B 216 5.40 3.41 6.87
C VAL B 216 6.45 2.88 7.85
N SER B 217 7.11 1.79 7.48
CA SER B 217 8.11 1.25 8.38
C SER B 217 9.36 2.14 8.39
N LYS B 218 9.99 2.21 9.56
CA LYS B 218 10.98 3.22 9.86
C LYS B 218 12.22 3.16 8.97
N GLU B 219 12.49 2.00 8.38
CA GLU B 219 13.66 1.82 7.56
C GLU B 219 13.51 2.44 6.16
N HIS B 220 12.29 2.79 5.80
CA HIS B 220 12.00 3.40 4.52
C HIS B 220 12.14 4.89 4.60
N VAL B 221 12.23 5.40 5.82
CA VAL B 221 12.29 6.82 6.06
C VAL B 221 13.69 7.34 6.22
N THR B 222 13.96 8.51 5.66
CA THR B 222 15.22 9.18 5.94
C THR B 222 15.03 10.70 5.92
N VAL B 223 15.70 11.40 6.82
CA VAL B 223 15.45 12.81 7.06
C VAL B 223 16.67 13.70 6.83
N TYR B 224 16.49 14.81 6.11
CA TYR B 224 17.59 15.74 5.89
C TYR B 224 17.39 17.07 6.61
N LEU B 225 18.49 17.58 7.16
CA LEU B 225 18.46 18.86 7.86
C LEU B 225 19.54 19.78 7.30
N GLY B 226 19.35 21.09 7.48
CA GLY B 226 20.27 22.07 6.96
C GLY B 226 20.46 21.92 5.47
N LEU B 227 19.38 21.57 4.79
CA LEU B 227 19.43 21.24 3.38
C LEU B 227 18.50 22.17 2.62
N HIS B 228 19.02 23.03 1.75
CA HIS B 228 18.14 23.99 1.04
C HIS B 228 17.94 23.59 -0.42
N ASP B 229 18.99 23.07 -1.04
CA ASP B 229 18.94 22.58 -2.42
C ASP B 229 18.89 21.06 -2.43
N VAL B 230 17.74 20.53 -2.79
CA VAL B 230 17.47 19.10 -2.73
C VAL B 230 18.50 18.24 -3.48
N ARG B 231 19.19 18.81 -4.45
CA ARG B 231 20.14 18.03 -5.23
C ARG B 231 21.49 17.88 -4.52
N ASP B 232 21.69 18.63 -3.45
CA ASP B 232 22.94 18.60 -2.71
C ASP B 232 22.85 17.82 -1.40
N LYS B 233 22.23 16.66 -1.45
CA LYS B 233 22.02 15.85 -0.25
C LYS B 233 23.35 15.42 0.38
N SER B 234 24.38 15.34 -0.44
CA SER B 234 25.73 15.05 0.06
C SER B 234 26.10 15.99 1.23
N GLY B 235 25.92 17.28 1.02
CA GLY B 235 26.50 18.28 1.91
C GLY B 235 25.72 18.69 3.15
N ALA B 236 24.75 17.88 3.56
CA ALA B 236 23.95 18.22 4.74
C ALA B 236 23.65 17.02 5.62
N VAL B 237 23.25 17.33 6.85
CA VAL B 237 23.01 16.34 7.89
C VAL B 237 21.84 15.43 7.54
N ASN B 238 21.99 14.12 7.77
CA ASN B 238 20.89 13.20 7.50
C ASN B 238 20.82 11.98 8.38
N SER B 239 19.63 11.66 8.86
CA SER B 239 19.49 10.49 9.70
C SER B 239 18.43 9.50 9.24
N SER B 240 18.56 8.29 9.78
CA SER B 240 17.60 7.24 9.65
C SER B 240 16.55 7.42 10.72
N ALA B 241 15.45 6.70 10.59
CA ALA B 241 14.37 6.80 11.55
C ALA B 241 14.41 5.70 12.61
N ALA B 242 14.70 6.10 13.84
CA ALA B 242 14.57 5.22 14.98
C ALA B 242 13.13 4.77 15.17
N ARG B 243 12.18 5.67 14.91
CA ARG B 243 10.78 5.47 15.28
C ARG B 243 9.84 6.31 14.40
N VAL B 244 8.67 5.77 14.10
CA VAL B 244 7.64 6.49 13.34
C VAL B 244 6.32 6.38 14.07
N VAL B 245 5.83 7.50 14.60
CA VAL B 245 4.59 7.49 15.38
C VAL B 245 3.51 8.45 14.86
N LEU B 246 2.42 7.87 14.37
CA LEU B 246 1.28 8.61 13.83
C LEU B 246 0.33 8.85 14.98
N HIS B 247 -0.31 10.01 15.02
CA HIS B 247 -1.30 10.27 16.05
C HIS B 247 -2.30 9.12 16.08
N PRO B 248 -2.57 8.58 17.27
CA PRO B 248 -3.47 7.43 17.40
C PRO B 248 -4.83 7.63 16.70
N ASP B 249 -5.40 8.83 16.73
CA ASP B 249 -6.74 9.04 16.16
C ASP B 249 -6.74 9.40 14.69
N PHE B 250 -5.58 9.45 14.04
CA PHE B 250 -5.55 9.87 12.65
C PHE B 250 -6.46 8.99 11.78
N ASN B 251 -7.10 9.62 10.80
CA ASN B 251 -8.10 8.98 9.98
C ASN B 251 -7.88 9.37 8.54
N ILE B 252 -7.70 8.37 7.67
CA ILE B 252 -7.38 8.65 6.28
C ILE B 252 -8.61 9.15 5.53
N GLN B 253 -9.78 8.80 6.05
CA GLN B 253 -11.02 9.21 5.44
C GLN B 253 -11.12 10.73 5.45
N ASN B 254 -11.06 11.33 6.64
CA ASN B 254 -11.31 12.75 6.80
C ASN B 254 -10.07 13.58 7.15
N TYR B 255 -8.90 12.94 7.15
CA TYR B 255 -7.66 13.63 7.52
C TYR B 255 -7.76 14.34 8.87
N ASN B 256 -8.59 13.83 9.77
CA ASN B 256 -8.65 14.38 11.12
C ASN B 256 -7.45 13.97 11.96
N HIS B 257 -6.98 14.87 12.83
CA HIS B 257 -5.85 14.55 13.69
C HIS B 257 -4.65 14.14 12.84
N ASP B 258 -4.36 14.99 11.87
CA ASP B 258 -3.32 14.71 10.91
C ASP B 258 -1.98 15.24 11.45
N ILE B 259 -1.32 14.45 12.28
CA ILE B 259 -0.08 14.88 12.88
C ILE B 259 0.78 13.67 13.24
N ALA B 260 2.10 13.79 13.06
CA ALA B 260 2.99 12.67 13.34
C ALA B 260 4.40 13.12 13.76
N LEU B 261 5.19 12.16 14.23
CA LEU B 261 6.53 12.39 14.73
C LEU B 261 7.48 11.32 14.19
N VAL B 262 8.69 11.72 13.82
CA VAL B 262 9.72 10.80 13.41
C VAL B 262 10.89 11.04 14.36
N GLN B 263 11.23 10.04 15.17
CA GLN B 263 12.40 10.16 16.04
C GLN B 263 13.65 9.73 15.29
N LEU B 264 14.67 10.58 15.30
CA LEU B 264 15.88 10.35 14.51
C LEU B 264 16.83 9.35 15.19
N GLN B 265 17.39 8.41 14.42
CA GLN B 265 18.23 7.35 15.01
C GLN B 265 19.45 7.97 15.63
N GLU B 266 20.15 8.81 14.89
CA GLU B 266 21.18 9.63 15.52
C GLU B 266 20.91 11.14 15.48
N PRO B 267 20.83 11.74 16.69
CA PRO B 267 20.66 13.18 16.96
C PRO B 267 21.52 14.00 16.02
N VAL B 268 20.97 15.10 15.52
CA VAL B 268 21.76 15.96 14.66
C VAL B 268 22.55 16.96 15.53
N PRO B 269 23.65 17.50 14.97
CA PRO B 269 24.39 18.58 15.60
C PRO B 269 23.65 19.90 15.34
N LEU B 270 23.28 20.60 16.41
CA LEU B 270 22.64 21.89 16.31
C LEU B 270 23.68 22.92 15.83
N GLY B 271 23.26 23.80 14.94
CA GLY B 271 24.18 24.70 14.27
C GLY B 271 23.40 25.82 13.63
N PRO B 272 24.10 26.72 12.95
CA PRO B 272 23.42 27.91 12.41
C PRO B 272 22.43 27.53 11.29
N HIS B 273 22.61 26.36 10.67
CA HIS B 273 21.69 25.84 9.66
C HIS B 273 20.75 24.75 10.20
N VAL B 274 20.92 24.35 11.46
CA VAL B 274 20.13 23.28 12.04
C VAL B 274 19.69 23.59 13.46
N MET B 275 18.47 24.11 13.62
CA MET B 275 17.97 24.45 14.95
C MET B 275 16.49 24.15 14.99
N PRO B 276 15.99 23.73 16.16
CA PRO B 276 14.58 23.38 16.30
C PRO B 276 13.74 24.62 16.38
N VAL B 277 12.44 24.41 16.23
CA VAL B 277 11.46 25.47 16.32
C VAL B 277 10.75 25.26 17.66
N CYS B 278 10.13 26.29 18.20
CA CYS B 278 9.39 26.11 19.44
C CYS B 278 8.01 25.51 19.19
N LEU B 279 7.46 24.89 20.23
CA LEU B 279 6.10 24.39 20.23
C LEU B 279 5.20 25.41 20.92
N PRO B 280 3.91 25.40 20.59
CA PRO B 280 2.96 26.36 21.16
C PRO B 280 2.47 25.88 22.51
N ARG B 281 1.91 26.77 23.33
CA ARG B 281 1.24 26.36 24.55
C ARG B 281 -0.05 25.63 24.18
N LEU B 282 -0.34 24.54 24.88
CA LEU B 282 -1.56 23.76 24.67
C LEU B 282 -2.79 24.64 24.83
N GLU B 283 -3.54 24.85 23.74
CA GLU B 283 -4.74 25.69 23.83
C GLU B 283 -5.64 25.53 22.60
N PRO B 284 -6.97 25.57 22.83
CA PRO B 284 -7.98 25.11 21.86
C PRO B 284 -8.12 25.96 20.58
N GLU B 285 -8.01 27.28 20.67
CA GLU B 285 -8.27 28.14 19.51
C GLU B 285 -7.26 28.12 18.34
N GLY B 286 -5.97 27.97 18.62
CA GLY B 286 -4.99 28.09 17.57
C GLY B 286 -4.81 29.57 17.26
N PRO B 287 -4.11 29.89 16.17
CA PRO B 287 -3.74 31.31 15.94
C PRO B 287 -4.90 32.16 15.49
N ALA B 288 -4.90 33.41 15.90
CA ALA B 288 -6.01 34.30 15.60
C ALA B 288 -6.11 34.57 14.10
N PRO B 289 -7.32 34.88 13.61
CA PRO B 289 -7.55 35.18 12.20
C PRO B 289 -6.75 36.41 11.81
N HIS B 290 -6.29 36.47 10.56
CA HIS B 290 -5.49 37.60 10.07
C HIS B 290 -4.08 37.73 10.65
N MET B 291 -3.72 36.89 11.62
CA MET B 291 -2.30 36.71 11.93
C MET B 291 -1.53 36.24 10.69
N LEU B 292 -0.30 36.71 10.56
CA LEU B 292 0.51 36.28 9.46
C LEU B 292 1.49 35.19 9.92
N GLY B 293 1.70 34.20 9.07
CA GLY B 293 2.62 33.12 9.37
C GLY B 293 3.50 32.84 8.18
N LEU B 294 4.52 32.03 8.38
CA LEU B 294 5.38 31.64 7.28
C LEU B 294 5.27 30.15 7.00
N VAL B 295 5.28 29.81 5.72
CA VAL B 295 5.45 28.42 5.29
C VAL B 295 6.58 28.33 4.32
N ALA B 296 7.54 27.48 4.64
CA ALA B 296 8.59 27.20 3.69
C ALA B 296 8.39 25.77 3.19
N GLY B 297 8.73 25.51 1.93
CA GLY B 297 8.61 24.16 1.41
C GLY B 297 9.08 24.08 -0.03
N TRP B 298 9.14 22.88 -0.59
CA TRP B 298 9.61 22.71 -1.96
C TRP B 298 8.51 22.55 -2.99
N GLY B 299 7.28 22.87 -2.61
CA GLY B 299 6.18 22.76 -3.53
C GLY B 299 5.38 21.49 -3.36
N ILE B 300 4.42 21.29 -4.25
CA ILE B 300 3.42 20.26 -4.02
C ILE B 300 3.57 18.96 -4.79
N SER B 301 3.86 19.02 -6.08
CA SER B 301 4.00 17.80 -6.89
C SER B 301 2.65 17.26 -7.36
N ASN B 302 2.46 17.23 -8.69
CA ASN B 302 1.21 16.75 -9.30
C ASN B 302 1.11 15.23 -9.39
N ARG B 316 1.87 23.70 -9.49
CA ARG B 316 2.03 22.45 -8.77
C ARG B 316 3.23 21.62 -9.24
N THR B 317 4.44 22.03 -8.85
CA THR B 317 5.64 21.22 -9.07
C THR B 317 6.64 21.31 -7.93
N LEU B 318 7.88 20.94 -8.23
CA LEU B 318 8.93 20.84 -7.23
C LEU B 318 10.10 21.76 -7.54
N SER B 319 10.41 22.65 -6.60
CA SER B 319 11.61 23.46 -6.74
C SER B 319 12.72 22.70 -6.02
N ASP B 320 13.92 22.73 -6.58
CA ASP B 320 15.04 22.03 -5.99
C ASP B 320 15.49 22.80 -4.76
N VAL B 321 15.22 24.11 -4.76
CA VAL B 321 15.63 24.94 -3.64
C VAL B 321 14.41 25.36 -2.81
N LEU B 322 14.60 25.42 -1.50
CA LEU B 322 13.51 25.66 -0.58
C LEU B 322 12.97 27.07 -0.75
N GLN B 323 11.65 27.19 -0.72
CA GLN B 323 11.06 28.52 -0.79
C GLN B 323 10.20 28.71 0.42
N TYR B 324 9.80 29.95 0.68
CA TYR B 324 8.91 30.28 1.78
C TYR B 324 7.94 31.41 1.37
N VAL B 325 6.81 31.51 2.05
CA VAL B 325 5.79 32.52 1.78
C VAL B 325 5.19 32.95 3.09
N LYS B 326 4.74 34.20 3.13
CA LYS B 326 3.87 34.65 4.21
C LYS B 326 2.41 34.43 3.81
N LEU B 327 1.60 33.92 4.73
CA LEU B 327 0.18 33.75 4.47
C LEU B 327 -0.59 34.19 5.71
N PRO B 328 -1.81 34.70 5.54
CA PRO B 328 -2.65 35.12 6.65
C PRO B 328 -3.57 33.98 7.08
N VAL B 329 -3.97 34.01 8.34
CA VAL B 329 -4.88 33.05 8.87
C VAL B 329 -6.31 33.44 8.48
N VAL B 330 -7.01 32.54 7.79
CA VAL B 330 -8.39 32.80 7.42
C VAL B 330 -9.33 32.50 8.60
N PRO B 331 -10.34 33.35 8.81
CA PRO B 331 -11.38 33.02 9.79
C PRO B 331 -11.95 31.61 9.59
N HIS B 332 -12.08 30.86 10.67
CA HIS B 332 -12.55 29.48 10.62
C HIS B 332 -13.93 29.32 9.97
N ALA B 333 -14.90 30.06 10.46
CA ALA B 333 -16.23 30.06 9.85
C ALA B 333 -16.12 30.25 8.33
N GLU B 334 -15.41 31.27 7.92
CA GLU B 334 -15.20 31.52 6.49
C GLU B 334 -14.53 30.34 5.77
N CYS B 335 -13.71 29.58 6.48
CA CYS B 335 -13.03 28.47 5.81
C CYS B 335 -13.94 27.26 5.72
N LYS B 336 -14.56 26.89 6.84
CA LYS B 336 -15.48 25.76 6.85
C LYS B 336 -16.49 25.87 5.70
N THR B 337 -17.09 27.06 5.60
CA THR B 337 -18.11 27.36 4.62
C THR B 337 -17.65 27.18 3.19
N SER B 338 -16.41 27.58 2.92
CA SER B 338 -15.91 27.49 1.56
C SER B 338 -15.78 26.04 1.14
N TYR B 339 -15.45 25.19 2.09
CA TYR B 339 -15.18 23.79 1.78
C TYR B 339 -16.45 22.93 1.78
N GLU B 340 -17.48 23.40 2.48
CA GLU B 340 -18.79 22.78 2.36
C GLU B 340 -19.43 23.21 1.03
N SER B 341 -19.30 24.48 0.70
CA SER B 341 -19.83 25.02 -0.54
C SER B 341 -19.31 24.30 -1.76
N ARG B 342 -18.31 23.45 -1.57
CA ARG B 342 -17.87 22.62 -2.68
C ARG B 342 -17.79 21.16 -2.25
N SER B 343 -17.99 20.27 -3.22
CA SER B 343 -17.97 18.87 -2.94
C SER B 343 -17.29 18.16 -4.10
N GLY B 344 -16.50 17.15 -3.77
CA GLY B 344 -16.32 16.75 -2.39
C GLY B 344 -14.88 16.99 -1.96
N ASN B 345 -14.73 17.71 -0.85
CA ASN B 345 -13.42 17.98 -0.30
C ASN B 345 -13.41 17.31 1.07
N TYR B 346 -12.41 17.61 1.89
CA TYR B 346 -12.44 17.21 3.29
C TYR B 346 -13.30 18.22 4.04
N SER B 347 -13.39 18.06 5.36
CA SER B 347 -14.22 18.93 6.19
C SER B 347 -13.41 19.60 7.29
N VAL B 348 -13.44 20.94 7.30
CA VAL B 348 -12.71 21.72 8.27
C VAL B 348 -13.30 21.57 9.67
N THR B 349 -12.44 21.30 10.65
CA THR B 349 -12.86 21.07 12.03
C THR B 349 -12.32 22.08 13.03
N GLU B 350 -12.77 21.96 14.27
CA GLU B 350 -12.19 22.69 15.39
C GLU B 350 -10.67 22.52 15.47
N ASN B 351 -10.17 21.35 15.07
CA ASN B 351 -8.77 21.01 15.21
C ASN B 351 -7.92 21.56 14.10
N MET B 352 -8.54 22.38 13.27
CA MET B 352 -7.89 22.88 12.07
C MET B 352 -8.00 24.39 11.99
N PHE B 353 -6.96 25.02 11.45
CA PHE B 353 -7.08 26.41 11.03
C PHE B 353 -6.75 26.50 9.56
N CYS B 354 -7.25 27.54 8.91
CA CYS B 354 -6.99 27.74 7.50
C CYS B 354 -6.14 28.97 7.28
N ALA B 355 -5.42 28.98 6.17
CA ALA B 355 -4.60 30.10 5.84
C ALA B 355 -4.58 30.26 4.32
N GLY B 356 -4.49 31.52 3.87
CA GLY B 356 -4.27 31.86 2.49
C GLY B 356 -4.94 33.18 2.12
N TYR B 357 -4.82 33.56 0.85
CA TYR B 357 -5.56 34.71 0.34
C TYR B 357 -6.87 34.29 -0.30
N TYR B 358 -7.83 35.22 -0.33
CA TYR B 358 -9.12 35.02 -0.95
C TYR B 358 -9.00 34.52 -2.39
N GLU B 359 -8.14 35.15 -3.18
CA GLU B 359 -8.00 34.76 -4.57
C GLU B 359 -6.72 35.30 -5.18
N GLY B 360 -6.16 34.57 -6.15
CA GLY B 360 -4.90 34.96 -6.74
C GLY B 360 -3.75 34.43 -5.91
N GLY B 361 -2.53 34.65 -6.37
CA GLY B 361 -1.40 34.16 -5.62
C GLY B 361 -1.12 32.74 -6.02
N LYS B 362 -1.01 32.54 -7.33
CA LYS B 362 -0.74 31.23 -7.88
C LYS B 362 0.50 30.59 -7.25
N ASP B 363 1.40 31.40 -6.70
CA ASP B 363 2.63 30.84 -6.10
C ASP B 363 2.67 30.91 -4.58
N THR B 364 1.52 30.76 -3.94
CA THR B 364 1.44 30.81 -2.49
C THR B 364 1.20 29.43 -1.87
N CYS B 365 1.35 28.38 -2.68
CA CYS B 365 1.11 27.02 -2.24
C CYS B 365 2.41 26.23 -2.29
N LEU B 366 3.16 26.21 -1.20
CA LEU B 366 4.50 25.69 -1.24
C LEU B 366 4.62 24.29 -0.65
N GLY B 367 3.49 23.62 -0.45
CA GLY B 367 3.51 22.28 0.08
C GLY B 367 2.16 21.81 0.57
N ASP B 368 1.99 20.49 0.63
CA ASP B 368 0.74 19.89 1.09
C ASP B 368 1.10 18.58 1.74
N SER B 369 2.28 18.58 2.31
CA SER B 369 2.85 17.37 2.85
C SER B 369 3.56 17.71 4.18
N GLY B 370 2.79 18.28 5.09
CA GLY B 370 3.25 18.48 6.46
C GLY B 370 4.15 19.68 6.70
N GLU B 371 4.44 20.51 5.71
CA GLU B 371 5.29 21.65 6.01
C GLU B 371 4.71 22.57 7.11
N ALA B 372 5.58 23.16 7.89
CA ALA B 372 5.19 23.88 9.09
C ALA B 372 4.60 25.27 8.77
N PHE B 373 3.63 25.72 9.58
CA PHE B 373 3.14 27.10 9.57
C PHE B 373 3.66 27.76 10.84
N VAL B 374 4.65 28.64 10.67
CA VAL B 374 5.35 29.21 11.80
C VAL B 374 5.01 30.66 12.02
N ILE B 375 4.71 30.99 13.27
CA ILE B 375 4.35 32.33 13.67
C ILE B 375 5.26 32.77 14.81
N PHE B 376 5.78 33.99 14.68
CA PHE B 376 6.67 34.53 15.70
C PHE B 376 5.84 34.92 16.91
N ASP B 377 6.11 34.30 18.05
CA ASP B 377 5.38 34.61 19.27
C ASP B 377 6.01 35.84 19.93
N ASP B 378 5.17 36.79 20.33
CA ASP B 378 5.71 38.02 20.86
C ASP B 378 6.07 37.85 22.32
N LEU B 379 5.24 37.10 23.04
CA LEU B 379 5.53 36.80 24.44
C LEU B 379 6.97 36.32 24.62
N SER B 380 7.36 35.28 23.89
CA SER B 380 8.68 34.65 24.07
C SER B 380 9.73 35.14 23.08
N GLN B 381 9.30 35.83 22.05
CA GLN B 381 10.23 36.31 21.05
C GLN B 381 10.90 35.18 20.30
N ARG B 382 10.11 34.16 19.98
CA ARG B 382 10.61 32.98 19.27
C ARG B 382 9.65 32.54 18.17
N TRP B 383 10.17 31.80 17.19
CA TRP B 383 9.33 31.23 16.16
C TRP B 383 8.62 29.97 16.67
N VAL B 384 7.32 29.87 16.39
CA VAL B 384 6.50 28.80 16.96
C VAL B 384 5.69 28.09 15.86
N VAL B 385 5.90 26.79 15.73
CA VAL B 385 5.12 25.99 14.80
C VAL B 385 3.65 25.95 15.25
N GLN B 386 2.75 26.49 14.45
CA GLN B 386 1.37 26.58 14.89
C GLN B 386 0.50 25.66 14.03
N GLY B 387 0.97 25.43 12.82
CA GLY B 387 0.24 24.65 11.84
C GLY B 387 1.12 23.60 11.18
N LEU B 388 0.45 22.59 10.63
CA LEU B 388 1.06 21.58 9.79
C LEU B 388 0.12 21.45 8.60
N VAL B 389 0.66 21.59 7.40
CA VAL B 389 -0.19 21.57 6.20
C VAL B 389 -0.82 20.20 6.03
N SER B 390 -2.14 20.12 6.14
CA SER B 390 -2.81 18.83 6.07
C SER B 390 -3.43 18.58 4.71
N TRP B 391 -4.29 19.47 4.26
CA TRP B 391 -4.86 19.31 2.94
C TRP B 391 -5.24 20.66 2.37
N GLY B 392 -5.63 20.64 1.09
CA GLY B 392 -6.18 21.79 0.42
C GLY B 392 -7.11 21.33 -0.68
N GLY B 393 -7.98 22.22 -1.13
CA GLY B 393 -8.80 21.90 -2.28
C GLY B 393 -7.90 21.49 -3.42
N PRO B 394 -8.46 20.74 -4.39
CA PRO B 394 -7.82 20.22 -5.61
C PRO B 394 -7.51 21.28 -6.67
N GLU B 395 -8.12 22.45 -6.56
CA GLU B 395 -8.05 23.43 -7.64
C GLU B 395 -6.65 24.01 -7.84
N GLU B 396 -6.44 24.67 -8.98
CA GLU B 396 -5.19 25.35 -9.24
C GLU B 396 -4.93 26.32 -8.09
N CYS B 397 -3.68 26.44 -7.67
CA CYS B 397 -3.33 27.30 -6.53
C CYS B 397 -3.72 28.74 -6.82
N GLY B 398 -4.46 29.35 -5.90
CA GLY B 398 -4.96 30.70 -6.12
C GLY B 398 -6.46 30.77 -6.35
N SER B 399 -7.09 29.63 -6.57
CA SER B 399 -8.53 29.60 -6.82
C SER B 399 -9.32 30.21 -5.69
N LYS B 400 -10.34 30.96 -6.07
CA LYS B 400 -11.16 31.68 -5.12
C LYS B 400 -11.42 30.80 -3.90
N GLN B 401 -10.89 31.21 -2.76
CA GLN B 401 -11.25 30.58 -1.49
C GLN B 401 -10.80 29.12 -1.30
N VAL B 402 -9.84 28.66 -2.09
CA VAL B 402 -9.32 27.33 -1.84
C VAL B 402 -8.10 27.44 -0.92
N TYR B 403 -8.38 27.57 0.38
CA TYR B 403 -7.36 27.81 1.40
C TYR B 403 -6.63 26.55 1.85
N GLY B 404 -5.39 26.71 2.29
CA GLY B 404 -4.66 25.64 2.93
C GLY B 404 -5.25 25.29 4.29
N VAL B 405 -5.40 24.00 4.55
CA VAL B 405 -5.97 23.59 5.82
C VAL B 405 -4.84 23.01 6.64
N TYR B 406 -4.72 23.46 7.87
CA TYR B 406 -3.56 23.13 8.68
C TYR B 406 -3.96 22.44 9.98
N THR B 407 -3.15 21.49 10.42
CA THR B 407 -3.36 20.92 11.75
C THR B 407 -3.00 21.98 12.81
N LYS B 408 -3.92 22.23 13.75
CA LYS B 408 -3.67 23.14 14.89
C LYS B 408 -2.74 22.51 15.91
N VAL B 409 -1.43 22.63 15.71
CA VAL B 409 -0.48 21.99 16.61
C VAL B 409 -0.73 22.23 18.09
N SER B 410 -1.25 23.41 18.43
CA SER B 410 -1.58 23.72 19.82
C SER B 410 -2.69 22.84 20.40
N ASN B 411 -3.33 22.02 19.57
CA ASN B 411 -4.38 21.12 20.05
C ASN B 411 -3.81 19.74 20.31
N TYR B 412 -2.52 19.57 20.07
CA TYR B 412 -1.93 18.23 20.07
C TYR B 412 -0.56 18.23 20.73
N VAL B 413 -0.13 19.39 21.21
CA VAL B 413 1.22 19.50 21.75
C VAL B 413 1.43 18.61 23.01
N ASP B 414 0.39 18.35 23.79
CA ASP B 414 0.54 17.45 24.94
C ASP B 414 0.86 16.02 24.49
N TRP B 415 0.16 15.57 23.44
CA TRP B 415 0.48 14.27 22.84
C TRP B 415 1.89 14.26 22.27
N VAL B 416 2.35 15.40 21.75
CA VAL B 416 3.71 15.50 21.25
C VAL B 416 4.72 15.40 22.39
N TRP B 417 4.41 16.07 23.49
CA TRP B 417 5.26 16.00 24.67
C TRP B 417 5.32 14.56 25.15
N GLU B 418 4.13 13.96 25.32
CA GLU B 418 4.04 12.60 25.78
C GLU B 418 5.00 11.72 24.97
N GLN B 419 4.93 11.82 23.64
CA GLN B 419 5.71 10.95 22.80
C GLN B 419 7.21 11.19 22.90
N MET B 420 7.59 12.44 23.19
CA MET B 420 9.01 12.77 23.25
C MET B 420 9.67 12.43 24.57
N GLY B 421 8.88 12.29 25.62
CA GLY B 421 9.40 11.88 26.91
C GLY B 421 8.97 10.48 27.35
N LEU B 422 9.36 9.47 26.58
CA LEU B 422 9.00 8.07 26.87
C LEU B 422 10.22 7.21 27.22
N1 IMD C . 13.36 31.88 9.40
C2 IMD C . 13.59 32.32 10.63
N3 IMD C . 13.12 33.57 10.77
C4 IMD C . 12.58 33.92 9.60
C5 IMD C . 12.72 32.85 8.73
HN1 IMD C . 13.57 31.07 9.06
H2 IMD C . 14.04 31.82 11.33
HN3 IMD C . 13.17 34.09 11.52
H4 IMD C . 12.16 34.78 9.40
H5 IMD C . 12.42 32.82 7.82
#